data_7UZD
#
_entry.id   7UZD
#
_cell.length_a   123.569
_cell.length_b   123.569
_cell.length_c   145.584
_cell.angle_alpha   90.000
_cell.angle_beta   90.000
_cell.angle_gamma   90.000
#
_symmetry.space_group_name_H-M   'P 43 21 2'
#
loop_
_entity.id
_entity.type
_entity.pdbx_description
1 polymer 'Spike protein S1'
2 polymer 'HSW-2 Fab heavy chain'
3 polymer 'HSW-2 Fab light chain'
4 branched 2-acetamido-2-deoxy-beta-D-glucopyranose-(1-4)-2-acetamido-2-deoxy-beta-D-glucopyranose
#
loop_
_entity_poly.entity_id
_entity_poly.type
_entity_poly.pdbx_seq_one_letter_code
_entity_poly.pdbx_strand_id
1 'polypeptide(L)'
;MGWSCIILFLVATATGVHSRFPNITNLCPFGEVFNATRFASVYAWNRKRISNCVADYSVLYNSASFSTFKCYGVSPTKLN
DLCFTNVYADSFVIRGDEVRQIAPGQTGKIADYNYKLPDDFTGCVIAWNSNNLDSKVGGNYNYLYRLFRKSNLKPFERDI
STEIYQAGSTPCNGVEGFNCYFPLQSYGFQPTNGVGYQPYRVVVLSFELLHAPATVCGPKKSTNLHHHHHH
;
A
2 'polypeptide(L)'
;QVQLQQSGPELVKPGASVKISCKASGYVFSTSWMSWVKQRPGEGPEWIGRIYPRDGHSSSTGKFKDKATLTADKSSNTAY
IHLSSLTSEDSAVYFCARDYGYYYFDYWGQGTTLTVSSASTKGPSVFPLAPSSKSTSGGTAALGCLVKDYFPEPVTVSWN
SGALTSGVHTFPAVLQSSGLYSLSSVVTVPSSSLGTQTYICNVNHKPSNTKVDKRVEPKSCDKTHHHHHH
;
H
3 'polypeptide(L)'
;DIQMTQSPASLSASVGEAVTITCRLSENVYSFLAWYQQKQGKSPQLLVYRAKTLAEGVPSRFSGSGSGTQFSLKINSLQP
EDFGTYYCQHHYGTPPTFGGGTKLEIKRTVAAPSVFIFPPSDEQLKSGTASVVCLLNNFYPREAKVQWKVDNALQSGNSQ
ESVTEQDSKDSTYSLSSTLTLSKADYEKHKVYACEVTHQGLSSPVTKSFNRGEC
;
L
#
loop_
_chem_comp.id
_chem_comp.type
_chem_comp.name
_chem_comp.formula
NAG D-saccharide, beta linking 2-acetamido-2-deoxy-beta-D-glucopyranose 'C8 H15 N O6'
#
# COMPACT_ATOMS: atom_id res chain seq x y z
N THR A 25 -7.58 -14.44 -29.24
CA THR A 25 -7.61 -15.39 -28.14
C THR A 25 -6.34 -16.24 -28.14
N ASN A 26 -5.36 -15.84 -27.33
CA ASN A 26 -4.14 -16.63 -27.15
C ASN A 26 -4.31 -17.60 -25.98
N LEU A 27 -5.16 -18.60 -26.21
CA LEU A 27 -5.54 -19.56 -25.19
C LEU A 27 -4.34 -20.39 -24.75
N CYS A 28 -4.33 -20.77 -23.47
CA CYS A 28 -3.24 -21.57 -22.92
C CYS A 28 -3.28 -22.98 -23.49
N PRO A 29 -2.18 -23.49 -23.98
CA PRO A 29 -2.19 -24.85 -24.53
C PRO A 29 -2.28 -25.93 -23.46
N PHE A 30 -3.36 -25.93 -22.68
CA PHE A 30 -3.56 -27.01 -21.73
C PHE A 30 -3.78 -28.33 -22.45
N GLY A 31 -4.38 -28.25 -23.65
CA GLY A 31 -4.83 -29.45 -24.33
C GLY A 31 -3.71 -30.38 -24.73
N GLU A 32 -2.57 -29.84 -25.17
CA GLU A 32 -1.45 -30.72 -25.47
C GLU A 32 -0.94 -31.41 -24.22
N VAL A 33 -1.12 -30.78 -23.05
CA VAL A 33 -0.76 -31.44 -21.81
C VAL A 33 -1.73 -32.58 -21.52
N PHE A 34 -3.03 -32.28 -21.56
CA PHE A 34 -4.02 -33.24 -21.13
C PHE A 34 -4.24 -34.32 -22.18
N ASN A 35 -4.24 -33.91 -23.44
CA ASN A 35 -4.58 -34.78 -24.55
C ASN A 35 -3.34 -35.34 -25.26
N ALA A 36 -2.18 -35.31 -24.60
CA ALA A 36 -1.01 -36.03 -25.07
C ALA A 36 -1.33 -37.52 -25.21
N THR A 37 -0.94 -38.09 -26.35
CA THR A 37 -1.19 -39.52 -26.60
C THR A 37 -0.57 -40.41 -25.52
N ARG A 38 0.67 -40.11 -25.10
CA ARG A 38 1.34 -40.88 -24.07
C ARG A 38 1.71 -39.97 -22.91
N PHE A 39 1.73 -40.54 -21.70
CA PHE A 39 2.01 -39.82 -20.47
C PHE A 39 3.25 -40.42 -19.81
N ALA A 40 3.91 -39.63 -18.97
CA ALA A 40 5.14 -40.07 -18.32
C ALA A 40 4.87 -41.21 -17.35
N SER A 41 5.96 -41.81 -16.86
CA SER A 41 5.90 -42.54 -15.60
C SER A 41 6.14 -41.54 -14.48
N VAL A 42 5.69 -41.92 -13.28
CA VAL A 42 5.70 -40.97 -12.17
C VAL A 42 7.14 -40.59 -11.82
N TYR A 43 8.05 -41.56 -11.80
CA TYR A 43 9.43 -41.26 -11.40
C TYR A 43 10.05 -40.25 -12.36
N ALA A 44 9.80 -40.38 -13.65
CA ALA A 44 10.27 -39.44 -14.66
C ALA A 44 9.16 -38.51 -15.13
N TRP A 45 8.50 -37.86 -14.17
CA TRP A 45 7.35 -37.02 -14.47
C TRP A 45 7.71 -35.90 -15.45
N ASN A 46 6.73 -35.49 -16.26
CA ASN A 46 6.98 -34.43 -17.25
C ASN A 46 6.46 -33.08 -16.79
N ARG A 47 7.15 -32.01 -17.19
CA ARG A 47 6.79 -30.65 -16.81
C ARG A 47 6.82 -29.71 -18.02
N LYS A 48 5.77 -28.91 -18.15
CA LYS A 48 5.64 -27.93 -19.23
C LYS A 48 5.36 -26.57 -18.62
N ARG A 49 6.23 -25.59 -18.86
CA ARG A 49 5.97 -24.27 -18.37
C ARG A 49 5.05 -23.56 -19.36
N ILE A 50 4.06 -22.85 -18.83
CA ILE A 50 2.97 -22.24 -19.59
C ILE A 50 2.95 -20.77 -19.21
N SER A 51 2.83 -19.89 -20.20
CA SER A 51 3.03 -18.48 -19.99
C SER A 51 2.64 -17.72 -21.25
N ASN A 52 2.36 -16.43 -21.07
CA ASN A 52 1.91 -15.54 -22.15
C ASN A 52 0.64 -16.06 -22.82
N CYS A 53 -0.36 -16.41 -21.97
CA CYS A 53 -1.63 -16.96 -22.42
C CYS A 53 -2.80 -16.65 -21.46
N VAL A 54 -4.01 -16.91 -21.99
CA VAL A 54 -5.29 -16.72 -21.29
C VAL A 54 -5.80 -18.08 -20.85
N ALA A 55 -6.19 -18.19 -19.59
CA ALA A 55 -6.52 -19.49 -19.01
C ALA A 55 -7.95 -19.48 -18.47
N ASP A 56 -8.82 -20.24 -19.13
CA ASP A 56 -10.18 -20.53 -18.67
C ASP A 56 -10.15 -21.91 -18.03
N TYR A 57 -9.97 -21.93 -16.71
CA TYR A 57 -10.04 -23.15 -15.93
C TYR A 57 -11.47 -23.56 -15.60
N SER A 58 -12.43 -22.62 -15.62
CA SER A 58 -13.77 -22.96 -15.16
C SER A 58 -14.41 -24.07 -16.01
N VAL A 59 -14.17 -24.05 -17.33
CA VAL A 59 -14.68 -25.15 -18.17
C VAL A 59 -14.04 -26.48 -17.78
N LEU A 60 -12.80 -26.45 -17.31
CA LEU A 60 -12.14 -27.68 -16.90
C LEU A 60 -12.65 -28.20 -15.57
N TYR A 61 -13.06 -27.31 -14.66
CA TYR A 61 -13.39 -27.75 -13.29
C TYR A 61 -14.70 -28.54 -13.23
N ASN A 62 -15.71 -28.12 -13.98
CA ASN A 62 -17.05 -28.73 -13.87
C ASN A 62 -17.24 -29.84 -14.89
N SER A 63 -16.28 -30.78 -14.94
CA SER A 63 -16.29 -31.90 -15.87
C SER A 63 -16.29 -33.21 -15.11
N ALA A 64 -17.28 -34.07 -15.38
CA ALA A 64 -17.32 -35.36 -14.71
C ALA A 64 -16.21 -36.28 -15.22
N SER A 65 -15.66 -35.94 -16.39
CA SER A 65 -14.54 -36.69 -16.97
C SER A 65 -13.32 -36.66 -16.06
N PHE A 66 -13.17 -35.61 -15.26
CA PHE A 66 -12.16 -35.59 -14.21
C PHE A 66 -12.77 -36.21 -12.97
N SER A 67 -12.16 -37.29 -12.49
CA SER A 67 -12.55 -37.90 -11.23
C SER A 67 -11.93 -37.17 -10.04
N THR A 68 -10.73 -36.60 -10.21
CA THR A 68 -10.15 -35.69 -9.22
C THR A 68 -9.91 -34.33 -9.84
N PHE A 69 -10.30 -33.27 -9.12
CA PHE A 69 -9.95 -31.87 -9.41
C PHE A 69 -9.92 -31.12 -8.07
N LYS A 70 -8.74 -31.05 -7.45
CA LYS A 70 -8.58 -30.44 -6.14
C LYS A 70 -7.65 -29.24 -6.20
N CYS A 71 -8.11 -28.09 -5.72
CA CYS A 71 -7.33 -26.87 -5.74
C CYS A 71 -6.98 -26.49 -4.30
N TYR A 72 -5.74 -26.06 -4.14
CA TYR A 72 -5.10 -25.73 -2.87
C TYR A 72 -4.51 -24.34 -3.00
N GLY A 73 -4.76 -23.49 -2.03
CA GLY A 73 -4.24 -22.14 -2.10
C GLY A 73 -5.12 -21.17 -2.83
N VAL A 74 -6.21 -21.64 -3.43
CA VAL A 74 -7.05 -20.81 -4.29
C VAL A 74 -8.45 -21.41 -4.30
N SER A 75 -9.41 -20.64 -4.77
CA SER A 75 -10.76 -21.17 -4.90
C SER A 75 -11.11 -21.41 -6.37
N PRO A 76 -11.84 -22.49 -6.67
CA PRO A 76 -12.18 -22.77 -8.07
C PRO A 76 -12.95 -21.66 -8.77
N THR A 77 -13.81 -20.92 -8.06
CA THR A 77 -14.50 -19.78 -8.70
C THR A 77 -13.54 -18.65 -9.02
N LYS A 78 -12.57 -18.38 -8.14
CA LYS A 78 -11.68 -17.25 -8.34
C LYS A 78 -10.59 -17.49 -9.37
N LEU A 79 -10.45 -18.73 -9.86
CA LEU A 79 -9.34 -19.12 -10.74
C LEU A 79 -9.29 -18.29 -12.03
N ASN A 80 -10.45 -17.94 -12.57
CA ASN A 80 -10.51 -17.05 -13.72
C ASN A 80 -10.21 -15.60 -13.38
N ASP A 81 -10.32 -15.22 -12.10
CA ASP A 81 -10.09 -13.85 -11.71
C ASP A 81 -8.65 -13.60 -11.30
N LEU A 82 -7.82 -14.63 -11.24
CA LEU A 82 -6.49 -14.47 -10.71
C LEU A 82 -5.50 -14.42 -11.86
N CYS A 83 -4.38 -13.77 -11.64
CA CYS A 83 -3.32 -13.60 -12.64
C CYS A 83 -2.04 -14.16 -12.06
N PHE A 84 -1.30 -14.92 -12.85
CA PHE A 84 -0.08 -15.56 -12.36
C PHE A 84 1.10 -15.31 -13.27
N THR A 85 2.30 -15.28 -12.69
CA THR A 85 3.49 -15.09 -13.50
C THR A 85 3.62 -16.22 -14.53
N ASN A 86 3.57 -17.45 -14.05
CA ASN A 86 3.74 -18.64 -14.88
C ASN A 86 2.90 -19.74 -14.31
N VAL A 87 2.66 -20.76 -15.13
CA VAL A 87 1.92 -21.94 -14.69
C VAL A 87 2.79 -23.12 -15.08
N TYR A 88 2.92 -24.09 -14.20
CA TYR A 88 3.65 -25.31 -14.54
C TYR A 88 2.66 -26.46 -14.61
N ALA A 89 2.81 -27.30 -15.62
CA ALA A 89 1.91 -28.43 -15.87
C ALA A 89 2.73 -29.72 -15.82
N ASP A 90 2.62 -30.44 -14.71
CA ASP A 90 3.32 -31.71 -14.47
C ASP A 90 2.35 -32.83 -14.74
N SER A 91 2.77 -33.82 -15.50
CA SER A 91 1.88 -34.92 -15.85
C SER A 91 2.62 -36.25 -15.76
N PHE A 92 1.86 -37.26 -15.37
CA PHE A 92 2.38 -38.60 -15.15
C PHE A 92 1.19 -39.55 -15.08
N VAL A 93 1.47 -40.82 -14.74
CA VAL A 93 0.45 -41.85 -14.57
C VAL A 93 0.74 -42.61 -13.28
N ILE A 94 -0.29 -42.78 -12.45
CA ILE A 94 -0.21 -43.51 -11.18
C ILE A 94 -1.47 -44.37 -11.07
N ARG A 95 -1.53 -45.21 -10.05
CA ARG A 95 -2.77 -45.98 -9.92
C ARG A 95 -3.72 -45.28 -8.95
N GLY A 96 -5.00 -45.68 -9.00
CA GLY A 96 -6.05 -44.91 -8.35
C GLY A 96 -5.82 -44.65 -6.87
N ASP A 97 -5.52 -45.70 -6.09
CA ASP A 97 -5.39 -45.51 -4.64
C ASP A 97 -4.22 -44.61 -4.28
N GLU A 98 -3.32 -44.34 -5.22
CA GLU A 98 -2.20 -43.45 -4.95
C GLU A 98 -2.50 -41.97 -5.18
N VAL A 99 -3.62 -41.62 -5.82
CA VAL A 99 -3.87 -40.21 -6.10
C VAL A 99 -3.97 -39.41 -4.79
N ARG A 100 -4.42 -40.03 -3.70
CA ARG A 100 -4.49 -39.29 -2.42
C ARG A 100 -3.13 -38.74 -2.03
N GLN A 101 -2.04 -39.36 -2.48
CA GLN A 101 -0.71 -38.92 -2.09
C GLN A 101 -0.30 -37.63 -2.78
N ILE A 102 -0.97 -37.24 -3.87
CA ILE A 102 -0.63 -36.03 -4.64
C ILE A 102 -1.14 -34.74 -4.02
N ALA A 103 -1.64 -34.77 -2.78
CA ALA A 103 -1.98 -33.53 -2.10
C ALA A 103 -0.77 -33.04 -1.30
N PRO A 104 -0.79 -31.78 -0.84
CA PRO A 104 0.26 -31.30 0.09
C PRO A 104 0.29 -32.10 1.37
N GLY A 105 1.49 -32.26 1.92
CA GLY A 105 1.62 -32.85 3.24
C GLY A 105 1.21 -34.30 3.33
N GLN A 106 1.34 -35.06 2.25
CA GLN A 106 0.98 -36.47 2.21
C GLN A 106 2.24 -37.32 2.30
N THR A 107 2.05 -38.59 2.65
CA THR A 107 3.18 -39.50 2.79
C THR A 107 2.89 -40.80 2.05
N GLY A 108 3.93 -41.49 1.66
CA GLY A 108 3.77 -42.71 0.89
C GLY A 108 4.91 -42.86 -0.10
N LYS A 109 4.93 -44.01 -0.78
CA LYS A 109 6.01 -44.25 -1.73
C LYS A 109 6.02 -43.21 -2.84
N ILE A 110 4.84 -42.85 -3.36
CA ILE A 110 4.79 -41.91 -4.47
C ILE A 110 5.19 -40.50 -4.00
N ALA A 111 4.72 -40.10 -2.82
CA ALA A 111 5.04 -38.77 -2.31
C ALA A 111 6.46 -38.69 -1.76
N ASP A 112 7.00 -39.80 -1.26
CA ASP A 112 8.33 -39.77 -0.67
C ASP A 112 9.43 -39.93 -1.71
N TYR A 113 9.20 -40.77 -2.72
CA TYR A 113 10.27 -41.14 -3.64
C TYR A 113 10.02 -40.80 -5.10
N ASN A 114 8.82 -40.36 -5.48
CA ASN A 114 8.52 -40.07 -6.90
C ASN A 114 8.13 -38.64 -7.19
N TYR A 115 7.09 -38.09 -6.55
CA TYR A 115 6.57 -36.77 -6.89
C TYR A 115 6.04 -36.16 -5.60
N LYS A 116 6.65 -35.08 -5.13
CA LYS A 116 6.35 -34.45 -3.85
C LYS A 116 5.85 -33.02 -4.05
N LEU A 117 4.77 -32.64 -3.28
CA LEU A 117 4.16 -31.32 -3.41
C LEU A 117 4.55 -30.47 -2.20
N PRO A 118 4.67 -29.15 -2.33
CA PRO A 118 5.09 -28.34 -1.18
C PRO A 118 3.96 -28.25 -0.19
N ASP A 119 4.30 -27.90 1.05
CA ASP A 119 3.22 -27.62 1.99
C ASP A 119 2.48 -26.34 1.62
N ASP A 120 3.18 -25.37 1.03
CA ASP A 120 2.56 -24.12 0.58
C ASP A 120 2.00 -24.21 -0.85
N PHE A 121 1.64 -25.41 -1.33
CA PHE A 121 1.28 -25.59 -2.73
C PHE A 121 0.12 -24.68 -3.12
N THR A 122 0.26 -24.01 -4.26
CA THR A 122 -0.80 -23.18 -4.84
C THR A 122 -1.05 -23.70 -6.24
N GLY A 123 -2.20 -24.34 -6.44
CA GLY A 123 -2.55 -24.86 -7.75
C GLY A 123 -3.59 -25.95 -7.61
N CYS A 124 -3.83 -26.64 -8.71
CA CYS A 124 -4.87 -27.67 -8.77
C CYS A 124 -4.26 -29.00 -9.19
N VAL A 125 -4.63 -30.07 -8.48
CA VAL A 125 -4.34 -31.44 -8.89
C VAL A 125 -5.54 -32.01 -9.64
N ILE A 126 -5.30 -32.56 -10.84
CA ILE A 126 -6.35 -33.11 -11.69
C ILE A 126 -5.99 -34.54 -12.04
N ALA A 127 -6.98 -35.42 -12.06
CA ALA A 127 -6.71 -36.80 -12.43
C ALA A 127 -7.95 -37.44 -13.04
N TRP A 128 -7.72 -38.33 -14.01
CA TRP A 128 -8.80 -39.08 -14.61
C TRP A 128 -8.33 -40.49 -14.92
N ASN A 129 -9.30 -41.41 -15.01
CA ASN A 129 -9.03 -42.81 -15.30
C ASN A 129 -8.60 -43.00 -16.77
N SER A 130 -7.64 -43.91 -16.99
CA SER A 130 -7.04 -44.13 -18.30
C SER A 130 -6.91 -45.63 -18.62
N ASN A 131 -7.87 -46.45 -18.18
CA ASN A 131 -7.74 -47.90 -18.37
C ASN A 131 -7.83 -48.29 -19.84
N ASN A 132 -8.69 -47.62 -20.62
CA ASN A 132 -8.82 -47.96 -22.03
C ASN A 132 -7.52 -47.71 -22.79
N LEU A 133 -6.78 -46.66 -22.42
CA LEU A 133 -5.57 -46.28 -23.15
C LEU A 133 -4.30 -46.86 -22.57
N ASP A 134 -4.26 -47.10 -21.26
CA ASP A 134 -3.03 -47.46 -20.56
C ASP A 134 -3.11 -48.84 -19.94
N SER A 135 -3.86 -49.75 -20.56
CA SER A 135 -3.88 -51.14 -20.17
C SER A 135 -3.64 -52.03 -21.39
N LYS A 136 -3.04 -53.18 -21.14
CA LYS A 136 -2.77 -54.16 -22.18
C LYS A 136 -3.08 -55.54 -21.61
N VAL A 137 -3.15 -56.53 -22.51
CA VAL A 137 -3.68 -57.85 -22.17
C VAL A 137 -2.85 -58.51 -21.06
N GLY A 138 -1.53 -58.47 -21.17
CA GLY A 138 -0.67 -58.89 -20.08
C GLY A 138 -0.48 -57.87 -18.98
N GLY A 139 -1.12 -56.70 -19.11
CA GLY A 139 -0.89 -55.61 -18.18
C GLY A 139 0.35 -54.86 -18.60
N ASN A 140 0.29 -53.53 -18.64
CA ASN A 140 1.35 -52.71 -19.21
C ASN A 140 2.43 -52.45 -18.15
N TYR A 141 3.66 -52.89 -18.43
CA TYR A 141 4.78 -52.71 -17.52
C TYR A 141 5.66 -51.52 -17.92
N ASN A 142 5.22 -50.71 -18.89
CA ASN A 142 5.97 -49.53 -19.31
C ASN A 142 5.94 -48.43 -18.25
N TYR A 143 4.86 -48.32 -17.48
CA TYR A 143 4.78 -47.33 -16.40
C TYR A 143 5.44 -47.85 -15.12
N LEU A 144 6.41 -47.10 -14.62
CA LEU A 144 7.26 -47.53 -13.52
C LEU A 144 7.16 -46.53 -12.38
N TYR A 145 7.58 -46.96 -11.19
CA TYR A 145 7.62 -46.10 -10.02
C TYR A 145 8.85 -46.44 -9.20
N ARG A 146 9.25 -45.53 -8.30
CA ARG A 146 10.46 -45.71 -7.50
C ARG A 146 10.08 -46.33 -6.15
N LEU A 147 10.44 -47.60 -5.94
CA LEU A 147 10.08 -48.30 -4.72
C LEU A 147 11.04 -47.99 -3.57
N PHE A 148 12.35 -47.95 -3.83
CA PHE A 148 13.36 -47.69 -2.81
C PHE A 148 14.11 -46.40 -3.15
N ARG A 149 14.37 -45.60 -2.12
CA ARG A 149 15.26 -44.45 -2.28
C ARG A 149 15.86 -44.11 -0.92
N LYS A 150 17.12 -43.68 -0.93
CA LYS A 150 17.85 -43.47 0.31
C LYS A 150 17.24 -42.37 1.17
N SER A 151 16.67 -41.34 0.54
CA SER A 151 16.07 -40.22 1.25
C SER A 151 14.76 -39.80 0.58
N ASN A 152 13.89 -39.15 1.36
CA ASN A 152 12.67 -38.59 0.79
C ASN A 152 12.94 -37.38 -0.10
N LEU A 153 12.18 -37.30 -1.19
CA LEU A 153 12.32 -36.27 -2.21
C LEU A 153 11.91 -34.91 -1.66
N LYS A 154 12.63 -33.86 -2.09
CA LYS A 154 12.22 -32.49 -1.85
C LYS A 154 11.02 -32.15 -2.74
N PRO A 155 10.29 -31.08 -2.45
CA PRO A 155 9.20 -30.69 -3.35
C PRO A 155 9.69 -30.37 -4.76
N PHE A 156 8.95 -30.87 -5.76
CA PHE A 156 9.23 -30.62 -7.17
C PHE A 156 10.64 -31.11 -7.58
N GLU A 157 11.09 -32.22 -6.98
CA GLU A 157 12.37 -32.84 -7.30
C GLU A 157 12.13 -34.03 -8.22
N ARG A 158 13.00 -34.22 -9.22
CA ARG A 158 12.89 -35.35 -10.11
C ARG A 158 14.18 -36.18 -10.02
N ASP A 159 14.01 -37.50 -9.93
CA ASP A 159 15.10 -38.46 -9.80
C ASP A 159 14.87 -39.66 -10.71
N ILE A 160 15.64 -39.77 -11.80
CA ILE A 160 15.50 -40.86 -12.76
C ILE A 160 16.69 -41.83 -12.68
N SER A 161 17.47 -41.76 -11.59
CA SER A 161 18.63 -42.64 -11.44
C SER A 161 18.18 -44.09 -11.31
N THR A 162 18.87 -44.98 -12.03
CA THR A 162 18.65 -46.42 -11.94
C THR A 162 19.76 -47.14 -11.16
N GLU A 163 20.40 -46.46 -10.21
CA GLU A 163 21.45 -47.09 -9.43
C GLU A 163 20.89 -48.12 -8.46
N ILE A 164 21.67 -49.17 -8.21
CA ILE A 164 21.20 -50.29 -7.38
C ILE A 164 21.12 -49.87 -5.92
N TYR A 165 20.04 -50.30 -5.24
CA TYR A 165 19.74 -49.84 -3.89
C TYR A 165 20.43 -50.73 -2.87
N GLN A 166 21.30 -50.12 -2.05
CA GLN A 166 22.08 -50.85 -1.05
C GLN A 166 21.37 -50.68 0.29
N ALA A 167 20.42 -51.57 0.55
CA ALA A 167 19.76 -51.63 1.85
C ALA A 167 20.71 -52.16 2.92
N GLY A 168 21.39 -53.28 2.62
CA GLY A 168 22.32 -53.85 3.56
C GLY A 168 23.67 -53.15 3.54
N SER A 169 24.55 -53.58 4.45
CA SER A 169 25.91 -53.07 4.45
C SER A 169 26.77 -53.69 3.36
N THR A 170 26.23 -54.67 2.62
CA THR A 170 26.93 -55.28 1.50
C THR A 170 27.23 -54.24 0.43
N PRO A 171 28.47 -54.16 -0.07
CA PRO A 171 28.71 -53.31 -1.25
C PRO A 171 28.04 -53.89 -2.48
N CYS A 172 27.05 -53.17 -3.02
CA CYS A 172 26.24 -53.72 -4.09
C CYS A 172 27.04 -53.93 -5.36
N ASN A 173 27.96 -53.00 -5.66
CA ASN A 173 28.85 -53.12 -6.82
C ASN A 173 28.06 -53.24 -8.11
N GLY A 174 26.90 -52.59 -8.16
CA GLY A 174 26.04 -52.66 -9.34
C GLY A 174 25.51 -54.04 -9.64
N VAL A 175 25.31 -54.87 -8.61
CA VAL A 175 24.83 -56.24 -8.77
C VAL A 175 23.53 -56.40 -7.97
N GLU A 176 22.50 -56.91 -8.64
CA GLU A 176 21.24 -57.19 -7.95
C GLU A 176 21.42 -58.39 -7.03
N GLY A 177 20.94 -58.27 -5.79
CA GLY A 177 21.20 -59.28 -4.77
C GLY A 177 20.13 -59.41 -3.72
N PHE A 178 20.47 -60.04 -2.59
CA PHE A 178 19.49 -60.27 -1.53
C PHE A 178 19.23 -59.00 -0.70
N ASN A 179 20.29 -58.25 -0.36
CA ASN A 179 20.15 -56.95 0.29
C ASN A 179 20.39 -55.81 -0.67
N CYS A 180 20.50 -56.10 -1.97
CA CYS A 180 20.71 -55.11 -3.02
C CYS A 180 19.62 -55.24 -4.06
N TYR A 181 18.88 -54.14 -4.29
CA TYR A 181 17.73 -54.16 -5.18
C TYR A 181 17.85 -53.05 -6.23
N PHE A 182 17.10 -53.24 -7.33
CA PHE A 182 16.88 -52.26 -8.40
C PHE A 182 15.82 -51.27 -7.95
N PRO A 183 16.01 -49.96 -8.19
CA PRO A 183 15.14 -48.98 -7.53
C PRO A 183 13.75 -48.89 -8.12
N LEU A 184 13.58 -49.09 -9.42
CA LEU A 184 12.30 -48.84 -10.08
C LEU A 184 11.54 -50.15 -10.29
N GLN A 185 10.31 -50.22 -9.78
CA GLN A 185 9.39 -51.32 -9.99
C GLN A 185 8.32 -50.89 -11.01
N SER A 186 7.45 -51.83 -11.38
CA SER A 186 6.50 -51.61 -12.46
C SER A 186 5.09 -51.89 -11.97
N TYR A 187 4.11 -51.16 -12.52
CA TYR A 187 2.71 -51.45 -12.24
C TYR A 187 2.21 -52.62 -13.09
N GLY A 188 1.17 -53.28 -12.60
CA GLY A 188 0.50 -54.28 -13.40
C GLY A 188 -0.31 -53.65 -14.50
N PHE A 189 -1.32 -52.86 -14.11
CA PHE A 189 -2.24 -52.20 -15.05
C PHE A 189 -2.88 -53.23 -15.99
N GLN A 190 -3.42 -54.28 -15.37
CA GLN A 190 -4.28 -55.22 -16.05
C GLN A 190 -5.64 -54.56 -16.31
N PRO A 191 -6.23 -54.78 -17.49
CA PRO A 191 -7.56 -54.19 -17.75
C PRO A 191 -8.61 -54.62 -16.76
N THR A 192 -8.42 -55.79 -16.15
CA THR A 192 -9.34 -56.39 -15.19
C THR A 192 -8.92 -56.16 -13.74
N ASN A 193 -7.92 -55.28 -13.52
CA ASN A 193 -7.30 -55.16 -12.20
C ASN A 193 -8.27 -54.57 -11.17
N GLY A 194 -9.25 -53.80 -11.63
CA GLY A 194 -10.18 -53.21 -10.67
C GLY A 194 -9.74 -51.81 -10.26
N VAL A 195 -10.74 -50.97 -10.02
CA VAL A 195 -10.50 -49.57 -9.65
C VAL A 195 -9.58 -49.49 -8.42
N GLY A 196 -8.61 -48.59 -8.48
CA GLY A 196 -7.62 -48.48 -7.44
C GLY A 196 -6.30 -49.15 -7.76
N TYR A 197 -6.31 -50.08 -8.71
CA TYR A 197 -5.10 -50.59 -9.31
C TYR A 197 -5.08 -50.29 -10.81
N GLN A 198 -6.11 -49.64 -11.33
CA GLN A 198 -6.21 -49.21 -12.71
C GLN A 198 -5.37 -47.94 -12.91
N PRO A 199 -4.96 -47.68 -14.16
CA PRO A 199 -4.15 -46.48 -14.44
C PRO A 199 -4.96 -45.19 -14.43
N TYR A 200 -4.40 -44.16 -13.78
CA TYR A 200 -4.99 -42.85 -13.71
C TYR A 200 -3.95 -41.83 -14.16
N ARG A 201 -4.34 -40.95 -15.06
CA ARG A 201 -3.50 -39.89 -15.56
C ARG A 201 -3.66 -38.64 -14.73
N VAL A 202 -2.53 -38.08 -14.27
CA VAL A 202 -2.49 -36.93 -13.37
C VAL A 202 -1.84 -35.74 -14.06
N VAL A 203 -2.46 -34.58 -13.89
CA VAL A 203 -1.95 -33.29 -14.29
C VAL A 203 -1.96 -32.39 -13.05
N VAL A 204 -0.80 -31.94 -12.63
CA VAL A 204 -0.68 -30.96 -11.54
C VAL A 204 -0.40 -29.60 -12.16
N LEU A 205 -1.26 -28.64 -11.88
CA LEU A 205 -1.07 -27.25 -12.26
C LEU A 205 -0.57 -26.51 -11.02
N SER A 206 0.66 -26.02 -11.04
CA SER A 206 1.12 -25.14 -9.96
C SER A 206 1.18 -23.72 -10.49
N PHE A 207 0.78 -22.77 -9.63
CA PHE A 207 0.70 -21.35 -9.99
C PHE A 207 1.89 -20.61 -9.41
N GLU A 208 2.76 -20.11 -10.29
CA GLU A 208 3.95 -19.40 -9.89
C GLU A 208 3.66 -17.91 -9.85
N LEU A 209 3.77 -17.36 -8.64
CA LEU A 209 3.59 -15.94 -8.36
C LEU A 209 4.94 -15.37 -7.91
N LEU A 210 5.58 -14.60 -8.77
CA LEU A 210 6.90 -14.03 -8.53
C LEU A 210 6.75 -12.52 -8.53
N HIS A 211 7.76 -11.81 -8.02
CA HIS A 211 7.72 -10.35 -8.15
C HIS A 211 8.19 -9.98 -9.55
N ALA A 212 7.29 -10.17 -10.51
CA ALA A 212 7.60 -9.95 -11.91
C ALA A 212 6.27 -9.78 -12.65
N PRO A 213 6.30 -9.19 -13.86
CA PRO A 213 5.04 -9.05 -14.61
C PRO A 213 4.30 -10.36 -14.85
N ALA A 214 2.97 -10.31 -14.66
CA ALA A 214 2.11 -11.46 -14.92
C ALA A 214 2.10 -11.77 -16.42
N THR A 215 2.05 -13.06 -16.76
CA THR A 215 1.95 -13.47 -18.16
C THR A 215 0.80 -14.44 -18.43
N VAL A 216 0.33 -15.19 -17.44
CA VAL A 216 -0.87 -16.03 -17.60
C VAL A 216 -2.01 -15.37 -16.82
N CYS A 217 -3.10 -15.04 -17.51
CA CYS A 217 -4.21 -14.38 -16.83
C CYS A 217 -5.54 -15.03 -17.21
N GLY A 218 -6.53 -14.89 -16.34
CA GLY A 218 -7.85 -15.42 -16.61
C GLY A 218 -8.51 -14.73 -17.80
N PRO A 219 -9.64 -15.27 -18.27
CA PRO A 219 -10.37 -14.61 -19.36
C PRO A 219 -10.84 -13.21 -18.97
N LYS A 220 -10.93 -12.32 -19.96
CA LYS A 220 -11.42 -10.97 -19.70
C LYS A 220 -12.87 -11.03 -19.20
N LYS A 221 -13.12 -10.37 -18.06
CA LYS A 221 -14.41 -10.39 -17.40
C LYS A 221 -15.42 -9.44 -18.03
N SER A 222 -15.11 -8.92 -19.22
CA SER A 222 -16.08 -8.12 -19.98
C SER A 222 -17.30 -8.95 -20.34
N THR A 223 -17.09 -10.20 -20.78
CA THR A 223 -18.13 -11.20 -21.06
C THR A 223 -19.48 -10.65 -21.55
N GLN B 1 15.45 4.68 -9.81
CA GLN B 1 15.00 3.90 -10.95
C GLN B 1 13.49 4.07 -11.24
N VAL B 2 12.62 3.22 -10.67
CA VAL B 2 11.20 3.33 -10.99
C VAL B 2 10.63 4.61 -10.41
N GLN B 3 10.03 5.44 -11.27
CA GLN B 3 9.38 6.68 -10.88
C GLN B 3 8.10 6.84 -11.67
N LEU B 4 7.10 7.45 -11.03
CA LEU B 4 5.82 7.77 -11.65
C LEU B 4 5.49 9.20 -11.26
N GLN B 5 5.57 10.12 -12.21
CA GLN B 5 5.30 11.52 -11.92
C GLN B 5 3.91 11.88 -12.44
N GLN B 6 3.03 12.28 -11.52
CA GLN B 6 1.69 12.70 -11.88
C GLN B 6 1.66 14.22 -12.10
N SER B 7 0.61 14.65 -12.80
CA SER B 7 0.36 16.06 -13.07
C SER B 7 -0.02 16.81 -11.77
N GLY B 8 -0.03 18.13 -11.86
CA GLY B 8 -0.23 19.00 -10.72
C GLY B 8 -1.69 19.09 -10.31
N PRO B 9 -1.91 19.75 -9.16
CA PRO B 9 -3.27 19.88 -8.62
C PRO B 9 -4.21 20.59 -9.58
N GLU B 10 -5.48 20.23 -9.52
CA GLU B 10 -6.44 20.72 -10.52
C GLU B 10 -7.71 21.23 -9.86
N LEU B 11 -8.06 22.49 -10.14
CA LEU B 11 -9.35 23.07 -9.74
C LEU B 11 -10.28 23.12 -10.95
N VAL B 12 -11.49 22.56 -10.78
CA VAL B 12 -12.44 22.34 -11.87
C VAL B 12 -13.86 22.67 -11.41
N LYS B 13 -14.61 23.32 -12.28
CA LYS B 13 -16.00 23.67 -11.99
C LYS B 13 -16.87 22.41 -11.98
N PRO B 14 -17.95 22.38 -11.20
CA PRO B 14 -18.81 21.18 -11.19
C PRO B 14 -19.36 20.85 -12.56
N GLY B 15 -19.55 19.55 -12.81
CA GLY B 15 -20.19 19.08 -14.03
C GLY B 15 -19.30 18.96 -15.25
N ALA B 16 -17.99 19.21 -15.10
CA ALA B 16 -16.96 19.27 -16.14
C ALA B 16 -16.24 17.92 -16.30
N SER B 17 -15.08 17.94 -16.96
CA SER B 17 -14.17 16.79 -17.07
C SER B 17 -12.75 17.25 -16.75
N VAL B 18 -11.87 16.26 -16.54
CA VAL B 18 -10.47 16.48 -16.20
C VAL B 18 -9.70 15.26 -16.66
N LYS B 19 -8.45 15.48 -17.07
CA LYS B 19 -7.55 14.40 -17.44
C LYS B 19 -6.31 14.55 -16.57
N ILE B 20 -6.05 13.51 -15.77
CA ILE B 20 -4.88 13.45 -14.90
C ILE B 20 -3.90 12.49 -15.54
N SER B 21 -2.60 12.79 -15.48
CA SER B 21 -1.61 11.96 -16.13
C SER B 21 -0.57 11.43 -15.15
N CYS B 22 0.09 10.35 -15.56
CA CYS B 22 1.12 9.64 -14.78
C CYS B 22 2.21 9.18 -15.74
N LYS B 23 3.40 9.78 -15.65
CA LYS B 23 4.51 9.48 -16.53
C LYS B 23 5.42 8.48 -15.84
N ALA B 24 5.59 7.29 -16.45
CA ALA B 24 6.30 6.18 -15.84
C ALA B 24 7.72 6.09 -16.38
N SER B 25 8.66 5.66 -15.53
CA SER B 25 10.04 5.40 -15.95
C SER B 25 10.65 4.33 -15.05
N GLY B 26 11.63 3.59 -15.60
CA GLY B 26 12.40 2.61 -14.84
C GLY B 26 11.97 1.17 -15.05
N TYR B 27 11.03 0.93 -15.95
CA TYR B 27 10.45 -0.39 -16.16
C TYR B 27 9.70 -0.42 -17.48
N VAL B 28 9.59 -1.61 -18.06
CA VAL B 28 8.80 -1.83 -19.27
C VAL B 28 7.35 -1.40 -19.02
N PHE B 29 6.95 -0.31 -19.68
CA PHE B 29 5.59 0.23 -19.61
C PHE B 29 4.54 -0.76 -20.12
N SER B 30 4.93 -1.72 -20.96
CA SER B 30 3.95 -2.54 -21.69
C SER B 30 3.65 -3.86 -21.01
N THR B 31 4.62 -4.42 -20.29
CA THR B 31 4.43 -5.66 -19.56
C THR B 31 3.59 -5.51 -18.28
N SER B 32 3.52 -4.31 -17.69
CA SER B 32 2.82 -4.09 -16.43
C SER B 32 1.52 -3.33 -16.65
N TRP B 33 0.59 -3.49 -15.70
CA TRP B 33 -0.67 -2.75 -15.63
C TRP B 33 -0.48 -1.48 -14.81
N MET B 34 -1.34 -0.51 -15.06
CA MET B 34 -1.34 0.71 -14.25
C MET B 34 -2.70 0.86 -13.58
N SER B 35 -2.72 0.77 -12.23
CA SER B 35 -3.92 0.92 -11.41
C SER B 35 -4.07 2.36 -10.95
N TRP B 36 -5.31 2.78 -10.76
CA TRP B 36 -5.63 4.11 -10.29
C TRP B 36 -6.45 3.98 -9.02
N VAL B 37 -6.13 4.80 -8.03
CA VAL B 37 -6.68 4.70 -6.69
C VAL B 37 -7.16 6.07 -6.24
N LYS B 38 -8.35 6.12 -5.65
CA LYS B 38 -8.90 7.36 -5.11
C LYS B 38 -8.79 7.34 -3.59
N GLN B 39 -8.45 8.48 -3.01
CA GLN B 39 -8.43 8.58 -1.55
C GLN B 39 -9.06 9.91 -1.17
N ARG B 40 -10.00 9.84 -0.25
CA ARG B 40 -10.57 11.06 0.25
C ARG B 40 -9.93 11.38 1.59
N PRO B 41 -9.92 12.64 2.00
CA PRO B 41 -9.29 12.98 3.29
C PRO B 41 -10.04 12.31 4.44
N GLY B 42 -9.29 11.68 5.33
CA GLY B 42 -9.87 10.94 6.43
C GLY B 42 -10.34 9.56 6.09
N GLU B 43 -9.98 9.04 4.94
CA GLU B 43 -10.51 7.75 4.51
C GLU B 43 -9.38 6.89 3.97
N GLY B 44 -9.65 5.60 3.87
CA GLY B 44 -8.74 4.70 3.24
C GLY B 44 -8.80 4.85 1.74
N PRO B 45 -7.83 4.22 1.07
CA PRO B 45 -7.75 4.32 -0.39
C PRO B 45 -8.87 3.53 -1.05
N GLU B 46 -9.12 3.85 -2.32
CA GLU B 46 -10.18 3.18 -3.06
C GLU B 46 -9.72 2.90 -4.48
N TRP B 47 -9.69 1.61 -4.84
CA TRP B 47 -9.28 1.20 -6.18
C TRP B 47 -10.33 1.58 -7.21
N ILE B 48 -9.87 2.17 -8.31
CA ILE B 48 -10.72 2.60 -9.42
C ILE B 48 -10.70 1.56 -10.53
N GLY B 49 -9.51 1.25 -11.03
CA GLY B 49 -9.35 0.44 -12.23
C GLY B 49 -7.89 0.36 -12.64
N ARG B 50 -7.64 -0.48 -13.63
CA ARG B 50 -6.29 -0.69 -14.14
C ARG B 50 -6.37 -0.77 -15.66
N ILE B 51 -5.26 -0.46 -16.31
CA ILE B 51 -5.14 -0.51 -17.76
C ILE B 51 -3.86 -1.25 -18.12
N TYR B 52 -3.92 -2.08 -19.19
CA TYR B 52 -2.74 -2.81 -19.65
C TYR B 52 -2.21 -2.16 -20.93
N PRO B 53 -1.16 -1.34 -20.87
CA PRO B 53 -0.82 -0.49 -22.03
C PRO B 53 -0.49 -1.26 -23.32
N ARG B 54 -0.06 -2.52 -23.23
CA ARG B 54 0.27 -3.27 -24.44
C ARG B 54 -0.96 -3.50 -25.33
N ASP B 55 -2.05 -4.07 -24.79
CA ASP B 55 -3.23 -4.28 -25.61
C ASP B 55 -4.29 -3.20 -25.40
N GLY B 56 -4.09 -2.32 -24.42
CA GLY B 56 -5.00 -1.22 -24.16
C GLY B 56 -6.26 -1.56 -23.38
N HIS B 57 -6.39 -2.80 -22.86
CA HIS B 57 -7.59 -3.19 -22.12
C HIS B 57 -7.65 -2.51 -20.76
N SER B 58 -8.83 -2.04 -20.38
CA SER B 58 -9.02 -1.46 -19.07
C SER B 58 -10.08 -2.25 -18.32
N SER B 59 -9.97 -2.27 -17.00
CA SER B 59 -10.95 -2.84 -16.09
C SER B 59 -11.21 -1.79 -15.02
N SER B 60 -12.46 -1.72 -14.52
CA SER B 60 -12.79 -0.81 -13.44
C SER B 60 -13.87 -1.45 -12.57
N THR B 61 -14.27 -0.75 -11.52
CA THR B 61 -15.38 -1.16 -10.68
C THR B 61 -16.68 -0.60 -11.22
N GLY B 62 -17.79 -1.16 -10.74
CA GLY B 62 -19.08 -0.69 -11.19
C GLY B 62 -19.19 0.81 -11.02
N LYS B 63 -18.89 1.29 -9.81
CA LYS B 63 -19.09 2.70 -9.49
C LYS B 63 -18.40 3.60 -10.50
N PHE B 64 -17.17 3.29 -10.87
CA PHE B 64 -16.35 4.14 -11.72
C PHE B 64 -16.46 3.78 -13.18
N LYS B 65 -17.43 2.95 -13.55
CA LYS B 65 -17.53 2.53 -14.95
C LYS B 65 -17.82 3.71 -15.87
N ASP B 66 -18.64 4.66 -15.39
CA ASP B 66 -19.04 5.83 -16.18
C ASP B 66 -18.26 7.10 -15.87
N LYS B 67 -17.83 7.33 -14.62
CA LYS B 67 -17.06 8.53 -14.29
C LYS B 67 -15.73 8.54 -15.00
N ALA B 68 -15.03 7.41 -15.02
CA ALA B 68 -13.61 7.37 -15.34
C ALA B 68 -13.31 6.49 -16.55
N THR B 69 -12.42 6.98 -17.41
CA THR B 69 -11.87 6.22 -18.54
C THR B 69 -10.34 6.26 -18.47
N LEU B 70 -9.68 5.17 -18.86
CA LEU B 70 -8.25 4.98 -18.62
C LEU B 70 -7.55 4.77 -19.96
N THR B 71 -6.47 5.50 -20.22
CA THR B 71 -5.78 5.42 -21.50
C THR B 71 -4.27 5.37 -21.29
N ALA B 72 -3.53 4.83 -22.26
CA ALA B 72 -2.08 4.70 -22.10
C ALA B 72 -1.34 4.94 -23.41
N ASP B 73 -0.44 5.93 -23.40
CA ASP B 73 0.42 6.30 -24.52
C ASP B 73 1.83 5.70 -24.37
N LYS B 74 2.08 4.65 -25.15
CA LYS B 74 3.36 3.95 -25.12
C LYS B 74 4.48 4.78 -25.73
N SER B 75 4.15 5.80 -26.52
CA SER B 75 5.21 6.66 -27.05
C SER B 75 5.82 7.53 -25.96
N SER B 76 5.00 8.11 -25.09
CA SER B 76 5.48 8.91 -23.96
C SER B 76 5.39 8.18 -22.63
N ASN B 77 4.99 6.91 -22.64
CA ASN B 77 4.91 6.10 -21.42
C ASN B 77 3.99 6.78 -20.39
N THR B 78 2.87 7.31 -20.84
CA THR B 78 2.01 8.07 -19.94
C THR B 78 0.65 7.40 -19.83
N ALA B 79 0.23 7.17 -18.59
CA ALA B 79 -1.11 6.68 -18.31
C ALA B 79 -1.98 7.86 -17.93
N TYR B 80 -3.22 7.84 -18.40
CA TYR B 80 -4.17 8.92 -18.19
C TYR B 80 -5.43 8.36 -17.57
N ILE B 81 -6.03 9.19 -16.75
CA ILE B 81 -7.38 8.95 -16.26
C ILE B 81 -8.22 10.18 -16.55
N HIS B 82 -9.39 9.96 -17.11
CA HIS B 82 -10.30 11.03 -17.49
C HIS B 82 -11.52 10.88 -16.62
N LEU B 83 -11.84 11.92 -15.86
CA LEU B 83 -13.03 11.91 -15.02
C LEU B 83 -14.02 12.94 -15.55
N SER B 84 -15.30 12.55 -15.54
CA SER B 84 -16.36 13.29 -16.22
C SER B 84 -17.53 13.52 -15.28
N SER B 85 -18.33 14.54 -15.61
CA SER B 85 -19.49 14.97 -14.82
C SER B 85 -19.07 15.16 -13.37
N LEU B 86 -18.07 16.01 -13.18
CA LEU B 86 -17.44 16.15 -11.88
C LEU B 86 -18.40 16.76 -10.87
N THR B 87 -18.52 16.12 -9.72
CA THR B 87 -19.27 16.63 -8.58
C THR B 87 -18.29 16.89 -7.44
N SER B 88 -18.81 17.36 -6.31
CA SER B 88 -17.93 17.56 -5.15
C SER B 88 -17.48 16.23 -4.59
N GLU B 89 -18.32 15.20 -4.66
CA GLU B 89 -17.91 13.88 -4.17
C GLU B 89 -16.68 13.38 -4.91
N ASP B 90 -16.51 13.78 -6.16
CA ASP B 90 -15.36 13.34 -6.95
C ASP B 90 -14.06 13.98 -6.48
N SER B 91 -14.10 15.12 -5.81
CA SER B 91 -12.88 15.77 -5.37
C SER B 91 -12.17 14.93 -4.30
N ALA B 92 -10.87 14.73 -4.49
CA ALA B 92 -10.14 13.67 -3.79
C ALA B 92 -8.66 13.75 -4.17
N VAL B 93 -7.86 12.78 -3.70
CA VAL B 93 -6.51 12.60 -4.21
C VAL B 93 -6.46 11.34 -5.06
N TYR B 94 -5.82 11.44 -6.22
CA TYR B 94 -5.80 10.35 -7.18
C TYR B 94 -4.38 9.89 -7.39
N PHE B 95 -4.13 8.61 -7.12
CA PHE B 95 -2.81 8.01 -7.25
C PHE B 95 -2.80 7.05 -8.42
N CYS B 96 -1.74 7.11 -9.21
CA CYS B 96 -1.41 6.02 -10.11
C CYS B 96 -0.42 5.10 -9.41
N ALA B 97 -0.64 3.79 -9.54
CA ALA B 97 0.24 2.76 -8.99
C ALA B 97 0.59 1.74 -10.08
N ARG B 98 1.79 1.19 -9.99
CA ARG B 98 2.18 0.08 -10.85
C ARG B 98 1.63 -1.22 -10.30
N ASP B 99 0.92 -1.95 -11.16
CA ASP B 99 0.38 -3.26 -10.89
C ASP B 99 1.07 -4.27 -11.80
N TYR B 100 1.78 -5.22 -11.20
CA TYR B 100 2.29 -6.34 -12.00
C TYR B 100 1.19 -7.27 -12.50
N GLY B 101 -0.07 -7.02 -12.17
CA GLY B 101 -1.16 -7.93 -12.44
C GLY B 101 -1.78 -8.55 -11.20
N TYR B 102 -1.06 -8.60 -10.08
CA TYR B 102 -1.51 -9.33 -8.90
C TYR B 102 -2.42 -8.52 -7.99
N TYR B 103 -2.65 -7.24 -8.31
CA TYR B 103 -3.51 -6.34 -7.58
C TYR B 103 -2.93 -5.83 -6.28
N TYR B 104 -1.65 -6.01 -6.02
CA TYR B 104 -0.93 -5.22 -5.03
C TYR B 104 -0.08 -4.18 -5.75
N PHE B 105 0.26 -3.08 -5.06
CA PHE B 105 0.89 -1.92 -5.69
C PHE B 105 2.23 -1.58 -5.04
N ASP B 106 3.32 -1.83 -5.75
CA ASP B 106 4.64 -1.60 -5.18
C ASP B 106 5.17 -0.20 -5.42
N TYR B 107 4.69 0.51 -6.45
CA TYR B 107 5.19 1.86 -6.74
C TYR B 107 4.04 2.80 -7.02
N TRP B 108 4.02 3.96 -6.37
CA TRP B 108 2.88 4.86 -6.40
C TRP B 108 3.30 6.21 -6.98
N GLY B 109 2.34 6.91 -7.56
CA GLY B 109 2.57 8.29 -7.93
C GLY B 109 2.61 9.14 -6.69
N GLN B 110 2.81 10.43 -6.89
CA GLN B 110 2.81 11.35 -5.75
C GLN B 110 1.41 11.82 -5.40
N GLY B 111 0.42 11.40 -6.19
CA GLY B 111 -0.95 11.82 -6.08
C GLY B 111 -1.19 13.15 -6.79
N THR B 112 -2.44 13.34 -7.21
CA THR B 112 -2.94 14.60 -7.73
C THR B 112 -4.23 14.97 -7.01
N THR B 113 -4.30 16.17 -6.43
CA THR B 113 -5.51 16.61 -5.74
C THR B 113 -6.50 17.28 -6.70
N LEU B 114 -7.72 16.77 -6.73
CA LEU B 114 -8.78 17.30 -7.58
C LEU B 114 -9.78 18.04 -6.72
N THR B 115 -9.82 19.36 -6.87
CA THR B 115 -10.79 20.24 -6.21
C THR B 115 -11.89 20.60 -7.20
N VAL B 116 -13.14 20.26 -6.87
CA VAL B 116 -14.30 20.56 -7.72
C VAL B 116 -15.10 21.69 -7.09
N SER B 117 -14.84 22.93 -7.51
CA SER B 117 -15.34 24.12 -6.84
C SER B 117 -15.92 25.12 -7.84
N SER B 118 -17.14 25.59 -7.56
CA SER B 118 -17.64 26.80 -8.20
C SER B 118 -16.79 28.02 -7.86
N ALA B 119 -16.03 27.98 -6.77
CA ALA B 119 -15.28 29.14 -6.35
C ALA B 119 -14.16 29.44 -7.36
N SER B 120 -13.38 30.48 -7.07
CA SER B 120 -12.42 31.02 -8.01
C SER B 120 -11.06 31.16 -7.35
N THR B 121 -10.02 30.99 -8.17
CA THR B 121 -8.65 31.09 -7.69
C THR B 121 -8.39 32.46 -7.09
N LYS B 122 -7.84 32.47 -5.87
CA LYS B 122 -7.52 33.70 -5.17
C LYS B 122 -6.12 33.59 -4.59
N GLY B 123 -5.40 34.71 -4.60
CA GLY B 123 -4.02 34.75 -4.20
C GLY B 123 -3.81 34.96 -2.71
N PRO B 124 -2.79 34.33 -2.17
CA PRO B 124 -2.46 34.52 -0.75
C PRO B 124 -1.92 35.93 -0.46
N SER B 125 -2.27 36.42 0.72
CA SER B 125 -1.61 37.58 1.31
C SER B 125 -0.64 37.06 2.36
N VAL B 126 0.60 37.50 2.28
CA VAL B 126 1.67 37.02 3.15
C VAL B 126 1.97 38.10 4.19
N PHE B 127 1.70 37.79 5.46
CA PHE B 127 1.97 38.74 6.54
C PHE B 127 3.05 38.17 7.46
N PRO B 128 3.86 39.00 8.10
CA PRO B 128 4.91 38.47 8.97
C PRO B 128 4.41 38.10 10.38
N LEU B 129 5.19 37.24 11.01
CA LEU B 129 5.06 36.90 12.42
C LEU B 129 6.41 37.29 12.98
N ALA B 130 6.52 38.53 13.44
CA ALA B 130 7.80 39.10 13.79
C ALA B 130 8.36 38.41 15.03
N PRO B 131 9.66 38.48 15.25
CA PRO B 131 10.22 37.89 16.47
C PRO B 131 9.84 38.73 17.69
N SER B 132 9.45 38.03 18.76
CA SER B 132 9.09 38.68 20.00
C SER B 132 10.33 39.25 20.67
N SER B 133 10.09 40.16 21.60
CA SER B 133 11.17 40.75 22.39
C SER B 133 11.00 40.27 23.82
N LYS B 134 11.96 39.49 24.31
CA LYS B 134 11.88 38.85 25.62
C LYS B 134 13.30 38.69 26.16
N SER B 135 13.42 38.06 27.34
CA SER B 135 14.74 37.79 27.91
C SER B 135 15.56 36.89 27.00
N THR B 136 14.91 35.95 26.31
CA THR B 136 15.55 35.00 25.40
C THR B 136 16.66 34.20 26.09
N SER B 137 16.38 33.79 27.34
CA SER B 137 17.22 32.83 28.05
C SER B 137 17.00 31.44 27.43
N GLY B 138 18.10 30.74 27.16
CA GLY B 138 18.06 29.59 26.29
C GLY B 138 18.22 29.94 24.82
N GLY B 139 18.06 31.22 24.47
CA GLY B 139 18.35 31.71 23.13
C GLY B 139 17.52 31.11 22.03
N THR B 140 16.27 30.74 22.32
CA THR B 140 15.34 30.27 21.30
C THR B 140 14.27 31.33 21.10
N ALA B 141 14.12 31.79 19.86
CA ALA B 141 13.12 32.76 19.46
C ALA B 141 12.33 32.16 18.32
N ALA B 142 11.16 32.72 18.03
CA ALA B 142 10.30 32.17 17.01
C ALA B 142 9.87 33.27 16.05
N LEU B 143 9.66 32.89 14.79
CA LEU B 143 9.24 33.84 13.77
C LEU B 143 8.53 33.06 12.68
N GLY B 144 7.79 33.77 11.84
CA GLY B 144 7.04 33.01 10.87
C GLY B 144 6.32 33.88 9.86
N CYS B 145 5.46 33.23 9.09
CA CYS B 145 4.70 33.87 8.03
C CYS B 145 3.29 33.33 8.03
N LEU B 146 2.35 34.23 7.88
CA LEU B 146 0.93 33.91 7.78
C LEU B 146 0.49 34.09 6.34
N VAL B 147 0.01 33.00 5.73
CA VAL B 147 -0.47 32.99 4.36
C VAL B 147 -1.99 32.94 4.40
N LYS B 148 -2.65 34.03 4.00
CA LYS B 148 -4.06 34.17 4.29
C LYS B 148 -4.89 34.40 3.03
N ASP B 149 -6.09 33.82 3.04
CA ASP B 149 -7.14 34.04 2.05
C ASP B 149 -6.65 33.70 0.65
N TYR B 150 -6.40 32.40 0.48
CA TYR B 150 -6.01 31.83 -0.79
C TYR B 150 -6.93 30.67 -1.11
N PHE B 151 -7.20 30.49 -2.40
CA PHE B 151 -7.98 29.40 -2.92
C PHE B 151 -7.41 29.11 -4.29
N PRO B 152 -7.31 27.84 -4.69
CA PRO B 152 -7.53 26.68 -3.81
C PRO B 152 -6.20 26.22 -3.25
N GLU B 153 -6.13 25.01 -2.70
CA GLU B 153 -4.85 24.48 -2.24
C GLU B 153 -4.04 23.91 -3.39
N PRO B 154 -2.69 23.84 -3.25
CA PRO B 154 -1.88 24.15 -2.07
C PRO B 154 -1.06 25.41 -2.17
N VAL B 155 -0.29 25.63 -1.11
CA VAL B 155 0.71 26.69 -1.02
C VAL B 155 2.00 26.05 -0.52
N THR B 156 3.12 26.39 -1.13
CA THR B 156 4.41 25.90 -0.66
C THR B 156 5.14 27.05 0.01
N VAL B 157 5.70 26.78 1.19
CA VAL B 157 6.50 27.77 1.89
C VAL B 157 7.88 27.19 2.17
N SER B 158 8.91 27.94 1.82
CA SER B 158 10.28 27.61 2.15
C SER B 158 10.88 28.78 2.92
N TRP B 159 11.97 28.52 3.64
CA TRP B 159 12.66 29.54 4.42
C TRP B 159 14.06 29.74 3.87
N ASN B 160 14.38 30.98 3.48
CA ASN B 160 15.67 31.28 2.87
C ASN B 160 15.94 30.40 1.66
N SER B 161 14.90 30.17 0.85
CA SER B 161 15.02 29.46 -0.43
C SER B 161 15.62 28.06 -0.24
N GLY B 162 15.21 27.38 0.82
CA GLY B 162 15.66 26.04 1.12
C GLY B 162 16.85 25.98 2.04
N ALA B 163 17.48 27.12 2.33
CA ALA B 163 18.68 27.13 3.17
C ALA B 163 18.34 26.81 4.62
N LEU B 164 17.16 27.24 5.09
CA LEU B 164 16.72 26.99 6.45
C LEU B 164 15.64 25.90 6.44
N THR B 165 15.90 24.81 7.16
CA THR B 165 14.94 23.71 7.24
C THR B 165 14.76 23.13 8.63
N SER B 166 15.59 23.51 9.60
CA SER B 166 15.56 22.92 10.93
C SER B 166 14.67 23.75 11.83
N GLY B 167 13.83 23.09 12.62
CA GLY B 167 12.90 23.82 13.44
C GLY B 167 11.79 24.50 12.68
N VAL B 168 11.73 24.31 11.37
CA VAL B 168 10.64 24.84 10.57
C VAL B 168 9.44 23.93 10.75
N HIS B 169 8.29 24.53 11.06
CA HIS B 169 7.00 23.84 11.10
C HIS B 169 6.04 24.59 10.20
N THR B 170 5.50 23.91 9.20
CA THR B 170 4.44 24.48 8.40
C THR B 170 3.14 23.75 8.70
N PHE B 171 2.22 24.44 9.10
CA PHE B 171 1.03 23.80 9.62
C PHE B 171 0.04 23.50 8.50
N PRO B 172 -0.83 22.51 8.72
CA PRO B 172 -1.87 22.23 7.74
C PRO B 172 -2.79 23.43 7.59
N ALA B 173 -3.21 23.70 6.36
CA ALA B 173 -4.15 24.78 6.11
C ALA B 173 -5.51 24.46 6.71
N VAL B 174 -6.16 25.48 7.28
CA VAL B 174 -7.52 25.39 7.79
C VAL B 174 -8.44 26.12 6.82
N LEU B 175 -9.66 25.60 6.66
CA LEU B 175 -10.66 26.25 5.84
C LEU B 175 -11.43 27.27 6.68
N GLN B 176 -11.33 28.54 6.30
CA GLN B 176 -12.02 29.60 7.02
C GLN B 176 -13.50 29.56 6.69
N SER B 177 -14.26 30.45 7.35
CA SER B 177 -15.69 30.53 7.07
C SER B 177 -15.96 31.20 5.73
N SER B 178 -15.05 32.09 5.30
CA SER B 178 -15.10 32.69 3.97
C SER B 178 -14.94 31.68 2.85
N GLY B 179 -14.59 30.43 3.16
CA GLY B 179 -14.25 29.45 2.15
C GLY B 179 -12.83 29.56 1.65
N LEU B 180 -12.09 30.57 2.07
CA LEU B 180 -10.69 30.68 1.71
C LEU B 180 -9.85 29.98 2.76
N TYR B 181 -8.62 29.66 2.37
CA TYR B 181 -7.72 28.90 3.21
C TYR B 181 -6.77 29.85 3.89
N SER B 182 -6.18 29.38 4.99
CA SER B 182 -5.18 30.16 5.69
C SER B 182 -4.20 29.16 6.26
N LEU B 183 -2.93 29.56 6.36
CA LEU B 183 -1.83 28.67 6.70
C LEU B 183 -0.73 29.49 7.36
N SER B 184 0.04 28.85 8.23
CA SER B 184 1.21 29.53 8.78
C SER B 184 2.42 28.63 8.67
N SER B 185 3.57 29.26 8.51
CA SER B 185 4.83 28.57 8.68
C SER B 185 5.61 29.32 9.74
N VAL B 186 6.29 28.58 10.61
CA VAL B 186 7.11 29.18 11.66
C VAL B 186 8.43 28.45 11.70
N VAL B 187 9.40 29.09 12.33
CA VAL B 187 10.68 28.48 12.63
C VAL B 187 11.18 29.02 13.98
N THR B 188 11.98 28.19 14.65
CA THR B 188 12.65 28.54 15.89
C THR B 188 14.13 28.76 15.58
N VAL B 189 14.65 29.92 15.93
CA VAL B 189 16.04 30.29 15.61
C VAL B 189 16.72 30.78 16.88
N PRO B 190 18.05 30.83 16.89
CA PRO B 190 18.76 31.48 18.00
C PRO B 190 18.41 32.96 18.13
N SER B 191 18.28 33.41 19.39
CA SER B 191 17.95 34.81 19.64
C SER B 191 19.07 35.74 19.19
N SER B 192 20.31 35.34 19.44
CA SER B 192 21.46 36.18 19.11
C SER B 192 21.54 36.45 17.61
N SER B 193 21.04 35.51 16.80
CA SER B 193 21.11 35.64 15.35
C SER B 193 20.17 36.70 14.79
N LEU B 194 19.21 37.18 15.58
CA LEU B 194 18.11 37.97 15.04
C LEU B 194 18.60 39.23 14.33
N GLY B 195 19.57 39.92 14.92
CA GLY B 195 20.13 41.12 14.32
C GLY B 195 21.07 40.82 13.17
N THR B 196 21.79 39.70 13.26
CA THR B 196 22.87 39.41 12.31
C THR B 196 22.36 38.76 11.01
N GLN B 197 21.41 37.82 11.13
CA GLN B 197 20.90 37.02 10.02
C GLN B 197 19.57 37.57 9.54
N THR B 198 19.30 37.39 8.24
CA THR B 198 18.04 37.81 7.62
C THR B 198 17.21 36.57 7.31
N TYR B 199 15.92 36.61 7.68
CA TYR B 199 14.99 35.50 7.53
C TYR B 199 13.86 35.88 6.57
N ILE B 200 13.68 35.05 5.54
CA ILE B 200 12.78 35.33 4.42
C ILE B 200 11.96 34.09 4.15
N CYS B 201 10.65 34.24 4.02
CA CYS B 201 9.80 33.12 3.63
C CYS B 201 9.42 33.29 2.17
N ASN B 202 9.64 32.24 1.40
CA ASN B 202 9.25 32.20 0.01
C ASN B 202 7.97 31.39 -0.05
N VAL B 203 6.90 32.02 -0.49
CA VAL B 203 5.57 31.45 -0.54
C VAL B 203 5.17 31.42 -2.01
N ASN B 204 4.80 30.25 -2.51
CA ASN B 204 4.38 30.14 -3.91
C ASN B 204 3.03 29.44 -3.92
N HIS B 205 2.05 30.11 -4.50
CA HIS B 205 0.70 29.59 -4.78
C HIS B 205 0.59 29.53 -6.28
N LYS B 206 0.99 28.38 -6.84
CA LYS B 206 1.04 28.23 -8.28
C LYS B 206 -0.30 28.42 -8.98
N PRO B 207 -1.46 28.06 -8.42
CA PRO B 207 -2.71 28.26 -9.18
C PRO B 207 -2.91 29.70 -9.60
N SER B 208 -2.49 30.67 -8.80
CA SER B 208 -2.55 32.07 -9.18
C SER B 208 -1.21 32.62 -9.58
N ASN B 209 -0.20 31.76 -9.75
CA ASN B 209 1.18 32.19 -9.98
C ASN B 209 1.56 33.34 -9.05
N THR B 210 1.34 33.14 -7.76
CA THR B 210 1.77 34.11 -6.75
C THR B 210 3.05 33.61 -6.11
N LYS B 211 4.16 34.31 -6.35
CA LYS B 211 5.42 34.06 -5.66
C LYS B 211 5.75 35.29 -4.82
N VAL B 212 5.83 35.12 -3.50
CA VAL B 212 6.07 36.22 -2.57
C VAL B 212 7.19 35.82 -1.64
N ASP B 213 8.25 36.61 -1.58
CA ASP B 213 9.30 36.45 -0.59
C ASP B 213 9.18 37.62 0.39
N LYS B 214 8.82 37.32 1.63
CA LYS B 214 8.61 38.34 2.64
C LYS B 214 9.74 38.21 3.67
N ARG B 215 10.36 39.34 4.03
CA ARG B 215 11.34 39.36 5.09
C ARG B 215 10.66 39.61 6.43
N VAL B 216 11.13 38.93 7.48
CA VAL B 216 10.57 39.08 8.81
C VAL B 216 11.68 39.57 9.73
N GLU B 217 11.38 40.61 10.51
CA GLU B 217 12.33 41.27 11.38
C GLU B 217 11.54 41.99 12.46
N PRO B 218 12.12 42.19 13.64
CA PRO B 218 11.36 42.81 14.73
C PRO B 218 10.91 44.23 14.40
N LYS B 219 9.67 44.55 14.77
CA LYS B 219 9.09 45.86 14.44
C LYS B 219 9.48 46.89 15.49
N SER B 220 9.75 48.11 15.03
CA SER B 220 10.05 49.24 15.90
C SER B 220 11.28 48.98 16.79
N ASP C 1 -17.62 -7.66 -3.45
CA ASP C 1 -16.56 -6.97 -2.71
C ASP C 1 -16.36 -7.54 -1.30
N ILE C 2 -15.16 -8.09 -1.04
CA ILE C 2 -14.76 -8.44 0.33
C ILE C 2 -14.70 -7.17 1.17
N GLN C 3 -15.11 -7.27 2.44
CA GLN C 3 -15.08 -6.16 3.39
C GLN C 3 -14.04 -6.45 4.45
N MET C 4 -13.28 -5.42 4.85
CA MET C 4 -12.12 -5.65 5.68
C MET C 4 -12.12 -4.71 6.87
N THR C 5 -11.54 -5.19 7.98
CA THR C 5 -11.68 -4.57 9.29
C THR C 5 -10.39 -4.71 10.08
N GLN C 6 -9.75 -3.60 10.40
CA GLN C 6 -8.49 -3.59 11.15
C GLN C 6 -8.73 -3.20 12.61
N SER C 7 -7.90 -3.77 13.48
CA SER C 7 -7.85 -3.37 14.85
C SER C 7 -6.41 -3.26 15.27
N PRO C 8 -6.06 -2.28 16.11
CA PRO C 8 -6.90 -1.23 16.67
C PRO C 8 -7.23 -0.21 15.62
N ALA C 9 -8.22 0.66 15.84
CA ALA C 9 -8.29 1.85 15.01
C ALA C 9 -7.11 2.78 15.28
N SER C 10 -6.51 2.66 16.46
CA SER C 10 -5.59 3.66 16.97
C SER C 10 -4.64 3.01 17.95
N LEU C 11 -3.41 3.53 18.02
CA LEU C 11 -2.37 2.89 18.84
C LEU C 11 -1.17 3.79 19.09
N SER C 12 -0.74 3.85 20.36
CA SER C 12 0.45 4.59 20.76
C SER C 12 1.43 3.62 21.43
N ALA C 13 2.71 3.74 21.09
CA ALA C 13 3.72 2.84 21.62
C ALA C 13 5.08 3.52 21.57
N SER C 14 5.99 3.07 22.44
CA SER C 14 7.28 3.73 22.55
C SER C 14 8.31 3.06 21.65
N VAL C 15 9.38 3.79 21.34
CA VAL C 15 10.47 3.22 20.56
C VAL C 15 11.00 1.96 21.23
N GLY C 16 11.41 0.99 20.41
CA GLY C 16 11.92 -0.28 20.86
C GLY C 16 10.86 -1.31 21.22
N GLU C 17 9.60 -0.88 21.34
CA GLU C 17 8.48 -1.75 21.68
C GLU C 17 8.08 -2.59 20.47
N ALA C 18 7.26 -3.61 20.73
CA ALA C 18 6.78 -4.52 19.69
C ALA C 18 5.28 -4.32 19.50
N VAL C 19 4.86 -4.24 18.24
CA VAL C 19 3.48 -3.93 17.91
C VAL C 19 2.92 -5.00 16.98
N THR C 20 1.65 -5.38 17.21
CA THR C 20 0.88 -6.20 16.28
C THR C 20 -0.47 -5.56 16.01
N ILE C 21 -0.77 -5.37 14.73
CA ILE C 21 -2.06 -4.90 14.24
C ILE C 21 -2.70 -6.05 13.48
N THR C 22 -4.02 -6.00 13.35
CA THR C 22 -4.70 -7.13 12.73
C THR C 22 -5.72 -6.66 11.70
N CYS C 23 -5.97 -7.54 10.74
CA CYS C 23 -6.93 -7.35 9.68
C CYS C 23 -7.83 -8.59 9.66
N ARG C 24 -9.09 -8.39 9.29
CA ARG C 24 -10.14 -9.40 9.35
C ARG C 24 -10.97 -9.25 8.10
N LEU C 25 -11.25 -10.36 7.41
CA LEU C 25 -11.88 -10.28 6.11
C LEU C 25 -13.17 -11.08 6.07
N SER C 26 -14.12 -10.59 5.26
CA SER C 26 -15.37 -11.31 5.02
C SER C 26 -15.10 -12.70 4.48
N GLU C 27 -14.24 -12.79 3.47
CA GLU C 27 -14.07 -13.98 2.66
C GLU C 27 -12.68 -14.56 2.88
N ASN C 28 -12.55 -15.87 2.65
CA ASN C 28 -11.24 -16.48 2.58
C ASN C 28 -10.50 -15.95 1.36
N VAL C 29 -9.36 -15.29 1.58
CA VAL C 29 -8.48 -14.85 0.51
C VAL C 29 -7.24 -15.71 0.45
N TYR C 30 -7.15 -16.76 1.27
CA TYR C 30 -5.95 -17.59 1.34
C TYR C 30 -4.80 -16.69 1.74
N SER C 31 -3.87 -16.42 0.81
CA SER C 31 -2.67 -15.66 1.12
C SER C 31 -2.62 -14.29 0.51
N PHE C 32 -3.65 -13.85 -0.20
CA PHE C 32 -3.51 -12.66 -1.05
C PHE C 32 -3.87 -11.40 -0.29
N LEU C 33 -3.05 -11.10 0.72
CA LEU C 33 -3.18 -9.88 1.51
C LEU C 33 -1.89 -9.07 1.48
N ALA C 34 -2.01 -7.75 1.35
CA ALA C 34 -0.92 -6.78 1.32
C ALA C 34 -1.08 -5.74 2.42
N TRP C 35 0.05 -5.15 2.83
CA TRP C 35 0.12 -4.13 3.88
C TRP C 35 0.91 -2.94 3.37
N TYR C 36 0.40 -1.74 3.65
CA TYR C 36 0.99 -0.47 3.25
C TYR C 36 1.13 0.44 4.47
N GLN C 37 2.13 1.32 4.41
CA GLN C 37 2.20 2.45 5.32
C GLN C 37 1.88 3.72 4.56
N GLN C 38 1.23 4.67 5.22
CA GLN C 38 0.94 5.97 4.61
C GLN C 38 1.23 7.07 5.61
N LYS C 39 1.66 8.21 5.11
CA LYS C 39 1.91 9.41 5.90
C LYS C 39 1.19 10.58 5.24
N GLN C 40 1.02 11.67 6.00
CA GLN C 40 0.21 12.77 5.48
C GLN C 40 0.83 13.36 4.22
N GLY C 41 -0.04 13.65 3.27
CA GLY C 41 0.37 14.28 2.03
C GLY C 41 1.19 13.39 1.12
N LYS C 42 1.32 12.12 1.43
CA LYS C 42 2.20 11.24 0.69
C LYS C 42 1.41 10.01 0.28
N SER C 43 1.97 9.26 -0.67
CA SER C 43 1.30 8.05 -1.12
C SER C 43 1.49 6.93 -0.12
N PRO C 44 0.65 5.90 -0.19
CA PRO C 44 0.92 4.67 0.56
C PRO C 44 2.16 4.00 0.03
N GLN C 45 2.83 3.25 0.91
CA GLN C 45 4.02 2.53 0.52
C GLN C 45 3.91 1.08 0.95
N LEU C 46 4.03 0.18 -0.03
CA LEU C 46 3.94 -1.25 0.21
C LEU C 46 4.97 -1.68 1.24
N LEU C 47 4.52 -2.47 2.21
CA LEU C 47 5.37 -3.11 3.20
C LEU C 47 5.42 -4.61 2.97
N VAL C 48 4.24 -5.23 2.82
CA VAL C 48 4.09 -6.67 2.69
C VAL C 48 3.15 -6.99 1.54
N TYR C 49 3.42 -8.10 0.86
CA TYR C 49 2.47 -8.67 -0.09
C TYR C 49 2.50 -10.20 0.07
N ARG C 50 1.43 -10.86 -0.42
CA ARG C 50 1.24 -12.31 -0.26
C ARG C 50 1.43 -12.74 1.19
N ALA C 51 0.87 -11.95 2.09
CA ALA C 51 0.73 -12.17 3.52
C ALA C 51 2.07 -12.21 4.24
N LYS C 52 3.15 -12.61 3.58
CA LYS C 52 4.44 -12.79 4.21
C LYS C 52 5.57 -12.09 3.48
N THR C 53 5.47 -11.96 2.15
CA THR C 53 6.61 -11.45 1.40
C THR C 53 6.84 -9.99 1.71
N LEU C 54 8.04 -9.73 2.22
CA LEU C 54 8.50 -8.37 2.45
C LEU C 54 8.93 -7.74 1.13
N ALA C 55 8.55 -6.48 0.96
CA ALA C 55 8.86 -5.72 -0.24
C ALA C 55 10.31 -5.24 -0.22
N GLU C 56 10.80 -4.80 -1.37
CA GLU C 56 12.18 -4.34 -1.43
C GLU C 56 12.34 -3.03 -0.70
N GLY C 57 13.47 -2.89 0.02
CA GLY C 57 13.73 -1.75 0.85
C GLY C 57 13.05 -1.75 2.20
N VAL C 58 12.31 -2.79 2.55
CA VAL C 58 11.53 -2.74 3.78
C VAL C 58 12.35 -3.36 4.90
N PRO C 59 12.53 -2.64 6.01
CA PRO C 59 13.34 -3.15 7.12
C PRO C 59 12.89 -4.52 7.59
N SER C 60 13.85 -5.31 8.08
CA SER C 60 13.53 -6.62 8.64
C SER C 60 12.57 -6.53 9.83
N ARG C 61 12.45 -5.37 10.48
CA ARG C 61 11.57 -5.21 11.64
C ARG C 61 10.12 -5.51 11.29
N PHE C 62 9.76 -5.37 10.02
CA PHE C 62 8.39 -5.58 9.60
C PHE C 62 8.17 -7.04 9.23
N SER C 63 7.01 -7.55 9.60
CA SER C 63 6.70 -8.96 9.49
C SER C 63 5.20 -9.13 9.22
N GLY C 64 4.83 -9.92 8.22
CA GLY C 64 3.43 -10.23 7.97
C GLY C 64 3.11 -11.70 8.23
N SER C 65 1.94 -11.97 8.83
CA SER C 65 1.48 -13.33 9.11
C SER C 65 -0.02 -13.43 8.90
N GLY C 66 -0.54 -14.65 8.87
CA GLY C 66 -1.97 -14.88 8.75
C GLY C 66 -2.36 -15.65 7.51
N SER C 67 -3.66 -15.83 7.36
CA SER C 67 -4.22 -16.67 6.29
C SER C 67 -5.73 -16.62 6.36
N GLY C 68 -6.35 -16.96 5.25
CA GLY C 68 -7.80 -17.09 5.21
C GLY C 68 -8.52 -15.79 5.47
N THR C 69 -9.11 -15.65 6.66
CA THR C 69 -9.84 -14.43 7.04
C THR C 69 -9.12 -13.60 8.08
N GLN C 70 -8.00 -14.07 8.63
CA GLN C 70 -7.35 -13.37 9.73
C GLN C 70 -5.87 -13.13 9.45
N PHE C 71 -5.43 -11.88 9.57
CA PHE C 71 -4.07 -11.51 9.17
C PHE C 71 -3.52 -10.54 10.21
N SER C 72 -2.18 -10.47 10.31
CA SER C 72 -1.53 -9.61 11.30
C SER C 72 -0.23 -9.03 10.76
N LEU C 73 0.13 -7.85 11.26
CA LEU C 73 1.39 -7.20 10.93
C LEU C 73 2.11 -6.84 12.23
N LYS C 74 3.41 -7.19 12.32
CA LYS C 74 4.20 -6.96 13.53
C LYS C 74 5.43 -6.15 13.20
N ILE C 75 5.79 -5.26 14.13
CA ILE C 75 7.05 -4.52 14.14
C ILE C 75 7.77 -4.89 15.43
N ASN C 76 8.95 -5.53 15.29
CA ASN C 76 9.55 -6.14 16.48
C ASN C 76 10.12 -5.07 17.41
N SER C 77 10.60 -3.96 16.85
CA SER C 77 11.03 -2.85 17.68
C SER C 77 10.66 -1.57 16.96
N LEU C 78 9.87 -0.73 17.62
CA LEU C 78 9.41 0.49 17.00
C LEU C 78 10.57 1.46 16.79
N GLN C 79 10.43 2.34 15.83
CA GLN C 79 11.42 3.37 15.55
C GLN C 79 10.67 4.69 15.42
N PRO C 80 11.34 5.82 15.68
CA PRO C 80 10.60 7.09 15.71
C PRO C 80 9.90 7.43 14.41
N GLU C 81 10.28 6.81 13.30
CA GLU C 81 9.73 7.15 11.98
C GLU C 81 8.66 6.15 11.55
N ASP C 82 8.13 5.36 12.45
CA ASP C 82 7.15 4.36 12.09
C ASP C 82 5.72 4.81 12.35
N PHE C 83 5.52 6.09 12.65
CA PHE C 83 4.17 6.61 12.80
C PHE C 83 3.48 6.68 11.45
N GLY C 84 2.15 6.61 11.45
CA GLY C 84 1.41 6.73 10.22
C GLY C 84 0.15 5.88 10.23
N THR C 85 -0.56 5.86 9.09
CA THR C 85 -1.69 4.97 8.95
C THR C 85 -1.28 3.70 8.23
N TYR C 86 -1.70 2.57 8.76
CA TYR C 86 -1.35 1.27 8.22
C TYR C 86 -2.61 0.67 7.61
N TYR C 87 -2.55 0.33 6.33
CA TYR C 87 -3.69 -0.23 5.63
C TYR C 87 -3.39 -1.68 5.26
N CYS C 88 -4.40 -2.53 5.36
CA CYS C 88 -4.37 -3.84 4.74
C CYS C 88 -5.25 -3.80 3.50
N GLN C 89 -4.98 -4.71 2.59
CA GLN C 89 -5.66 -4.76 1.30
C GLN C 89 -5.53 -6.17 0.76
N HIS C 90 -6.66 -6.88 0.63
CA HIS C 90 -6.54 -8.12 -0.12
C HIS C 90 -6.17 -7.84 -1.59
N HIS C 91 -5.49 -8.79 -2.20
CA HIS C 91 -5.23 -8.73 -3.64
C HIS C 91 -5.67 -10.05 -4.28
N TYR C 92 -6.93 -10.41 -4.02
CA TYR C 92 -7.57 -11.65 -4.45
C TYR C 92 -8.62 -11.27 -5.47
N GLY C 93 -8.20 -11.03 -6.72
CA GLY C 93 -9.14 -10.66 -7.77
C GLY C 93 -9.77 -9.28 -7.63
N THR C 94 -10.51 -8.89 -8.67
CA THR C 94 -11.33 -7.68 -8.64
C THR C 94 -12.50 -7.84 -7.69
N PRO C 95 -12.89 -6.75 -7.01
CA PRO C 95 -12.13 -5.51 -6.81
C PRO C 95 -11.22 -5.59 -5.60
N PRO C 96 -9.99 -5.04 -5.71
CA PRO C 96 -9.11 -4.97 -4.54
C PRO C 96 -9.67 -3.95 -3.55
N THR C 97 -9.88 -4.38 -2.30
CA THR C 97 -10.39 -3.46 -1.28
C THR C 97 -9.40 -3.32 -0.13
N PHE C 98 -9.44 -2.14 0.49
CA PHE C 98 -8.59 -1.69 1.59
C PHE C 98 -9.36 -1.72 2.91
N GLY C 99 -8.61 -1.63 4.01
CA GLY C 99 -9.19 -1.41 5.32
C GLY C 99 -9.33 0.07 5.66
N GLY C 100 -9.86 0.34 6.85
CA GLY C 100 -10.03 1.70 7.29
C GLY C 100 -8.82 2.29 7.97
N GLY C 101 -7.81 1.50 8.24
CA GLY C 101 -6.54 1.99 8.70
C GLY C 101 -6.30 1.70 10.17
N THR C 102 -5.05 1.81 10.58
CA THR C 102 -4.65 1.89 11.98
C THR C 102 -3.67 3.05 12.13
N LYS C 103 -4.02 4.01 12.98
CA LYS C 103 -3.16 5.17 13.23
C LYS C 103 -2.17 4.81 14.32
N LEU C 104 -0.90 4.71 13.97
CA LEU C 104 0.18 4.50 14.94
C LEU C 104 0.87 5.83 15.25
N GLU C 105 0.83 6.20 16.54
CA GLU C 105 1.58 7.30 17.13
C GLU C 105 2.75 6.70 17.89
N ILE C 106 3.88 7.41 17.94
CA ILE C 106 4.95 7.07 18.86
C ILE C 106 4.70 7.72 20.22
N LYS C 107 4.60 6.89 21.27
CA LYS C 107 4.61 7.37 22.64
C LYS C 107 6.01 7.79 23.04
N ARG C 108 6.08 8.83 23.87
CA ARG C 108 7.36 9.36 24.31
C ARG C 108 7.18 10.02 25.65
N THR C 109 8.29 10.49 26.22
CA THR C 109 8.25 11.22 27.48
C THR C 109 7.47 12.51 27.30
N VAL C 110 6.70 12.87 28.33
CA VAL C 110 5.90 14.08 28.29
C VAL C 110 6.80 15.28 28.07
N ALA C 111 6.39 16.16 27.17
CA ALA C 111 7.15 17.37 26.84
C ALA C 111 6.19 18.55 26.86
N ALA C 112 6.62 19.63 27.49
CA ALA C 112 5.82 20.83 27.61
C ALA C 112 5.97 21.71 26.37
N PRO C 113 4.89 22.31 25.91
CA PRO C 113 4.97 23.22 24.75
C PRO C 113 5.80 24.47 25.04
N SER C 114 6.50 24.95 24.02
CA SER C 114 7.02 26.31 24.05
C SER C 114 5.97 27.21 23.43
N VAL C 115 5.45 28.15 24.20
CA VAL C 115 4.38 29.03 23.73
C VAL C 115 4.95 30.39 23.34
N PHE C 116 4.48 30.90 22.20
CA PHE C 116 4.84 32.19 21.63
C PHE C 116 3.57 32.84 21.06
N ILE C 117 3.52 34.17 21.05
CA ILE C 117 2.36 34.89 20.53
C ILE C 117 2.82 35.99 19.59
N PHE C 118 2.00 36.28 18.59
CA PHE C 118 2.32 37.17 17.47
C PHE C 118 1.17 38.14 17.19
N PRO C 119 1.37 39.43 17.46
CA PRO C 119 0.35 40.45 17.18
C PRO C 119 0.18 40.70 15.70
N PRO C 120 -0.96 41.26 15.29
CA PRO C 120 -1.19 41.47 13.85
C PRO C 120 -0.18 42.45 13.26
N SER C 121 0.22 42.12 12.03
CA SER C 121 1.08 43.02 11.28
C SER C 121 0.38 44.35 11.02
N ASP C 122 1.17 45.42 10.96
CA ASP C 122 0.66 46.72 10.57
C ASP C 122 -0.02 46.68 9.20
N GLU C 123 0.58 45.95 8.25
CA GLU C 123 0.00 45.77 6.91
C GLU C 123 -1.38 45.11 6.99
N GLN C 124 -1.48 43.98 7.69
CA GLN C 124 -2.77 43.36 7.85
C GLN C 124 -3.78 44.32 8.46
N LEU C 125 -3.34 45.12 9.43
CA LEU C 125 -4.24 46.08 10.06
C LEU C 125 -4.78 47.06 9.03
N LYS C 126 -3.93 47.54 8.13
CA LYS C 126 -4.41 48.37 7.04
C LYS C 126 -5.47 47.65 6.22
N SER C 127 -5.29 46.33 6.00
CA SER C 127 -6.28 45.56 5.22
C SER C 127 -7.69 45.68 5.77
N GLY C 128 -7.83 45.82 7.10
CA GLY C 128 -9.12 45.83 7.76
C GLY C 128 -9.37 44.65 8.68
N THR C 129 -8.42 43.70 8.78
CA THR C 129 -8.54 42.54 9.66
C THR C 129 -7.28 42.41 10.51
N ALA C 130 -7.43 41.71 11.65
CA ALA C 130 -6.36 41.42 12.59
C ALA C 130 -6.34 39.92 12.87
N SER C 131 -5.16 39.31 12.73
CA SER C 131 -4.95 37.91 13.05
C SER C 131 -3.89 37.84 14.14
N VAL C 132 -4.25 37.27 15.27
CA VAL C 132 -3.33 37.07 16.38
C VAL C 132 -3.02 35.58 16.45
N VAL C 133 -1.74 35.24 16.54
CA VAL C 133 -1.29 33.86 16.40
C VAL C 133 -0.64 33.42 17.70
N CYS C 134 -1.04 32.24 18.19
CA CYS C 134 -0.44 31.57 19.33
C CYS C 134 0.19 30.27 18.83
N LEU C 135 1.45 30.06 19.18
CA LEU C 135 2.22 28.91 18.76
C LEU C 135 2.58 28.08 19.98
N LEU C 136 2.30 26.78 19.94
CA LEU C 136 2.77 25.82 20.90
C LEU C 136 3.75 24.91 20.17
N ASN C 137 4.96 24.76 20.69
CA ASN C 137 6.04 24.12 19.95
C ASN C 137 6.54 22.87 20.67
N ASN C 138 6.64 21.77 19.92
CA ASN C 138 7.38 20.55 20.26
C ASN C 138 6.94 19.95 21.59
N PHE C 139 5.68 19.56 21.68
CA PHE C 139 5.10 19.01 22.90
C PHE C 139 4.59 17.59 22.69
N TYR C 140 4.53 16.81 23.77
CA TYR C 140 3.91 15.48 23.79
C TYR C 140 3.21 15.40 25.14
N PRO C 141 2.00 14.82 25.21
CA PRO C 141 1.11 14.29 24.18
C PRO C 141 0.50 15.37 23.30
N ARG C 142 -0.33 14.98 22.34
CA ARG C 142 -0.91 15.96 21.42
C ARG C 142 -2.00 16.80 22.08
N GLU C 143 -2.65 16.26 23.11
CA GLU C 143 -3.82 16.94 23.65
C GLU C 143 -3.40 18.18 24.43
N ALA C 144 -3.94 19.33 24.04
CA ALA C 144 -3.62 20.58 24.70
C ALA C 144 -4.76 21.55 24.51
N LYS C 145 -4.96 22.42 25.51
CA LYS C 145 -6.04 23.41 25.45
C LYS C 145 -5.45 24.80 25.28
N VAL C 146 -5.99 25.56 24.35
CA VAL C 146 -5.65 26.98 24.18
C VAL C 146 -6.91 27.78 24.47
N GLN C 147 -6.82 28.70 25.42
CA GLN C 147 -7.90 29.63 25.73
C GLN C 147 -7.46 31.02 25.30
N TRP C 148 -8.27 31.70 24.51
CA TRP C 148 -7.97 33.07 24.13
C TRP C 148 -8.67 34.00 25.11
N LYS C 149 -7.91 34.91 25.73
CA LYS C 149 -8.47 35.88 26.66
C LYS C 149 -8.11 37.29 26.19
N VAL C 150 -9.11 38.16 26.09
CA VAL C 150 -8.88 39.56 25.75
C VAL C 150 -9.38 40.43 26.91
N ASP C 151 -8.47 41.21 27.50
CA ASP C 151 -8.76 41.95 28.72
C ASP C 151 -9.33 41.01 29.79
N ASN C 152 -8.75 39.81 29.86
CA ASN C 152 -9.13 38.73 30.76
C ASN C 152 -10.52 38.14 30.47
N ALA C 153 -11.09 38.41 29.29
CA ALA C 153 -12.40 37.88 28.90
C ALA C 153 -12.20 36.71 27.96
N LEU C 154 -12.87 35.58 28.23
CA LEU C 154 -12.72 34.41 27.39
C LEU C 154 -13.39 34.63 26.04
N GLN C 155 -12.74 34.15 25.00
CA GLN C 155 -13.17 34.34 23.62
C GLN C 155 -13.61 33.01 23.02
N SER C 156 -14.76 33.00 22.36
CA SER C 156 -15.19 31.81 21.63
C SER C 156 -15.69 32.17 20.24
N GLY C 157 -15.60 31.21 19.32
CA GLY C 157 -16.11 31.36 17.97
C GLY C 157 -15.20 32.10 17.01
N ASN C 158 -14.02 32.53 17.44
CA ASN C 158 -13.09 33.32 16.62
C ASN C 158 -11.69 32.72 16.58
N SER C 159 -11.52 31.47 17.01
CA SER C 159 -10.23 30.82 17.01
C SER C 159 -10.30 29.60 16.11
N GLN C 160 -9.21 29.35 15.36
CA GLN C 160 -9.04 28.11 14.64
C GLN C 160 -7.66 27.54 14.93
N GLU C 161 -7.58 26.21 15.06
CA GLU C 161 -6.32 25.52 15.37
C GLU C 161 -5.89 24.61 14.22
N SER C 162 -4.58 24.43 14.09
CA SER C 162 -4.08 23.27 13.35
C SER C 162 -2.83 22.72 14.03
N VAL C 163 -2.65 21.40 13.91
CA VAL C 163 -1.52 20.68 14.50
C VAL C 163 -0.69 20.04 13.39
N THR C 164 0.63 19.95 13.61
CA THR C 164 1.55 19.30 12.70
C THR C 164 1.52 17.79 12.94
N GLU C 165 2.05 17.05 11.97
CA GLU C 165 2.23 15.62 12.16
C GLU C 165 3.36 15.40 13.18
N GLN C 166 3.37 14.22 13.80
CA GLN C 166 4.43 13.84 14.73
C GLN C 166 5.79 13.97 14.07
N ASP C 167 6.77 14.51 14.79
CA ASP C 167 8.10 14.68 14.21
C ASP C 167 8.76 13.32 14.04
N SER C 168 9.38 13.11 12.86
CA SER C 168 10.03 11.84 12.58
C SER C 168 11.17 11.54 13.54
N LYS C 169 11.83 12.58 14.07
CA LYS C 169 12.92 12.37 15.03
C LYS C 169 12.51 12.70 16.45
N ASP C 170 11.87 13.85 16.66
CA ASP C 170 11.46 14.34 17.99
C ASP C 170 10.26 13.58 18.56
N SER C 171 9.37 13.06 17.69
CA SER C 171 8.08 12.48 18.08
C SER C 171 7.18 13.47 18.79
N THR C 172 7.45 14.77 18.62
CA THR C 172 6.64 15.81 19.22
C THR C 172 5.66 16.39 18.20
N TYR C 173 4.63 17.04 18.73
CA TYR C 173 3.64 17.75 17.96
C TYR C 173 3.88 19.25 18.13
N SER C 174 3.36 20.03 17.20
CA SER C 174 3.22 21.46 17.42
C SER C 174 1.84 21.89 17.00
N LEU C 175 1.38 22.98 17.59
CA LEU C 175 0.02 23.45 17.43
C LEU C 175 0.07 24.95 17.19
N SER C 176 -0.92 25.45 16.47
CA SER C 176 -1.12 26.89 16.35
C SER C 176 -2.59 27.21 16.44
N SER C 177 -2.89 28.33 17.08
CA SER C 177 -4.25 28.85 17.17
C SER C 177 -4.26 30.28 16.67
N THR C 178 -5.27 30.62 15.89
CA THR C 178 -5.37 31.96 15.32
C THR C 178 -6.74 32.57 15.58
N LEU C 179 -6.70 33.78 16.12
CA LEU C 179 -7.86 34.60 16.43
C LEU C 179 -8.01 35.64 15.33
N THR C 180 -9.19 35.68 14.72
CA THR C 180 -9.48 36.56 13.60
C THR C 180 -10.53 37.59 13.99
N LEU C 181 -10.17 38.87 13.85
CA LEU C 181 -10.97 39.95 14.36
C LEU C 181 -11.01 41.07 13.32
N SER C 182 -12.17 41.71 13.19
CA SER C 182 -12.19 42.96 12.45
C SER C 182 -11.28 43.97 13.14
N LYS C 183 -10.70 44.88 12.35
CA LYS C 183 -9.85 45.91 12.92
C LYS C 183 -10.57 46.70 14.02
N ALA C 184 -11.82 47.12 13.77
CA ALA C 184 -12.55 47.89 14.76
C ALA C 184 -12.66 47.14 16.08
N ASP C 185 -13.04 45.86 16.00
CA ASP C 185 -13.11 45.02 17.20
C ASP C 185 -11.76 44.95 17.89
N TYR C 186 -10.70 44.65 17.13
CA TYR C 186 -9.36 44.58 17.69
C TYR C 186 -8.98 45.91 18.35
N GLU C 187 -9.52 47.02 17.84
CA GLU C 187 -9.27 48.35 18.40
C GLU C 187 -10.00 48.55 19.72
N LYS C 188 -11.11 47.85 19.93
CA LYS C 188 -11.85 48.02 21.18
C LYS C 188 -11.06 47.53 22.40
N HIS C 189 -10.30 46.45 22.28
CA HIS C 189 -9.67 45.76 23.39
C HIS C 189 -8.18 46.04 23.48
N LYS C 190 -7.62 45.88 24.67
CA LYS C 190 -6.23 46.29 24.88
C LYS C 190 -5.25 45.12 25.02
N VAL C 191 -5.49 44.20 25.94
CA VAL C 191 -4.61 43.06 26.17
C VAL C 191 -5.15 41.84 25.45
N TYR C 192 -4.31 41.23 24.60
CA TYR C 192 -4.63 39.96 23.95
C TYR C 192 -3.69 38.91 24.51
N ALA C 193 -4.24 37.77 24.95
CA ALA C 193 -3.43 36.72 25.53
C ALA C 193 -3.95 35.37 25.07
N CYS C 194 -3.05 34.39 25.01
CA CYS C 194 -3.44 32.99 24.97
C CYS C 194 -2.90 32.27 26.20
N GLU C 195 -3.70 31.33 26.69
CA GLU C 195 -3.42 30.56 27.90
C GLU C 195 -3.40 29.09 27.52
N VAL C 196 -2.29 28.44 27.75
CA VAL C 196 -2.07 27.06 27.35
C VAL C 196 -2.16 26.19 28.57
N THR C 197 -2.98 25.15 28.48
CA THR C 197 -3.00 24.07 29.44
C THR C 197 -2.50 22.82 28.75
N HIS C 198 -1.54 22.16 29.38
CA HIS C 198 -0.98 20.94 28.83
C HIS C 198 -0.45 20.10 29.98
N GLN C 199 -0.32 18.80 29.73
CA GLN C 199 0.13 17.88 30.78
C GLN C 199 1.52 18.26 31.29
N GLY C 200 2.38 18.78 30.40
CA GLY C 200 3.72 19.16 30.83
C GLY C 200 3.78 20.38 31.72
N LEU C 201 2.70 21.16 31.77
CA LEU C 201 2.65 22.40 32.54
C LEU C 201 1.78 22.19 33.78
N SER C 202 2.36 22.41 34.98
CA SER C 202 1.60 22.18 36.21
C SER C 202 0.49 23.21 36.37
N SER C 203 0.70 24.42 35.89
CA SER C 203 -0.27 25.49 35.79
C SER C 203 -0.29 26.04 34.35
N PRO C 204 -1.45 26.48 33.88
CA PRO C 204 -1.53 27.03 32.52
C PRO C 204 -0.57 28.20 32.36
N VAL C 205 0.16 28.21 31.26
CA VAL C 205 1.07 29.31 31.00
C VAL C 205 0.34 30.31 30.11
N THR C 206 0.62 31.59 30.30
CA THR C 206 0.00 32.63 29.51
C THR C 206 1.05 33.46 28.78
N LYS C 207 0.67 33.95 27.59
CA LYS C 207 1.52 34.79 26.77
C LYS C 207 0.61 35.88 26.21
N SER C 208 0.97 37.14 26.45
CA SER C 208 0.06 38.26 26.19
C SER C 208 0.80 39.44 25.58
N PHE C 209 0.05 40.32 24.93
CA PHE C 209 0.62 41.57 24.43
C PHE C 209 -0.44 42.67 24.56
N ASN C 210 0.06 43.88 24.83
CA ASN C 210 -0.80 45.05 24.95
C ASN C 210 -0.83 45.70 23.59
N ARG C 211 -2.02 45.82 23.02
CA ARG C 211 -2.20 46.30 21.66
C ARG C 211 -1.51 47.65 21.48
N GLY C 212 -0.75 47.76 20.37
CA GLY C 212 0.00 48.97 20.08
C GLY C 212 1.39 49.05 20.69
N GLU C 213 1.96 47.92 21.10
CA GLU C 213 3.26 47.88 21.80
C GLU C 213 3.23 48.69 23.10
N CYS C 214 2.08 48.72 23.77
CA CYS C 214 1.91 49.34 25.08
C CYS C 214 2.58 48.51 26.18
C1 NAG D . -8.95 -32.70 -24.92
C2 NAG D . -9.29 -31.30 -24.36
C3 NAG D . -10.81 -31.07 -24.31
C4 NAG D . -11.52 -31.50 -25.59
C5 NAG D . -11.09 -32.90 -25.98
C6 NAG D . -11.67 -33.33 -27.30
C7 NAG D . -8.24 -29.97 -22.59
C8 NAG D . -7.74 -29.97 -21.17
N2 NAG D . -8.73 -31.13 -23.03
O3 NAG D . -11.04 -29.68 -24.09
O4 NAG D . -12.92 -31.55 -25.35
O5 NAG D . -9.66 -32.92 -26.13
O6 NAG D . -11.68 -34.74 -27.44
O7 NAG D . -8.18 -28.96 -23.30
C1 NAG D . -13.65 -30.46 -25.95
C2 NAG D . -15.12 -30.69 -25.57
C3 NAG D . -16.00 -29.57 -26.13
C4 NAG D . -15.47 -28.20 -25.71
C5 NAG D . -14.00 -28.07 -26.11
C6 NAG D . -13.37 -26.79 -25.63
C7 NAG D . -15.70 -33.05 -25.23
C8 NAG D . -16.16 -34.32 -25.88
N2 NAG D . -15.57 -31.99 -26.03
O3 NAG D . -17.35 -29.74 -25.69
O4 NAG D . -16.21 -27.16 -26.33
O5 NAG D . -13.23 -29.14 -25.53
O6 NAG D . -11.99 -26.73 -26.00
O7 NAG D . -15.46 -32.98 -24.02
#